data_6HE2
#
_entry.id   6HE2
#
_cell.length_a   93.852
_cell.length_b   101.847
_cell.length_c   109.480
_cell.angle_alpha   90.00
_cell.angle_beta   90.00
_cell.angle_gamma   90.00
#
_symmetry.space_group_name_H-M   'P 21 21 21'
#
loop_
_entity.id
_entity.type
_entity.pdbx_description
1 polymer '2-hydroxyisobutyryl-CoA synthetase'
2 non-polymer 'ADENOSINE MONOPHOSPHATE'
3 non-polymer '[[(2~{R},3~{S},4~{R},5~{R})-5-(6-aminopurin-9-yl)-3,4-bis(oxidanyl)oxolan-2-yl]methoxy-oxidanyl-phosphoryl] 2-methyl-2-oxidanyl-propanoate'
4 non-polymer 'COENZYME A'
5 water water
#
_entity_poly.entity_id   1
_entity_poly.type   'polypeptide(L)'
_entity_poly.pdbx_seq_one_letter_code
;MASHHHHHHSGMEEWNFPVEYDENYLPPADSRYWFPRRETMPAAERDKAILGRLQQVCQYAWEHAPFYRRKWEEAGFQPS
QLKSLEDFEARVPVVKKTDLRESQAAHPPFGDYVCVPNSEIFHVHGTSGTTGRPTAFGIGRADWRAIANAHARIMWGMGI
RPGDLVCVAAVFSLYMGSWGALAGAERLRAKAFPFGAGAPGMSARLVQWLDTMKPAAFYGTPSYAIHLAEVAREEKLNPR
NFGLKCLFFSGEPGASVPGVKDRIEEAYGAKVYDCGSMAEMSPFMNVAGTEQSNDGMLCWQDIIYTEVCDPANMRRVPYG
QRGTPVYTHLERTSQPMIRLLSGDLTLWTNDENPCGRTYPRLPQGIFGRIDDMFTIRGENIYPSEIDAALNQMSGYGGEH
RIVITRESAMDELLLRVEPSESVHAAGAAALETFRTEASHRVQTVLGVRAKVELVAPNSIARTDFKARRVIDDREVFRAL
NQQLQSSAGSAWSHPQFEK
;
_entity_poly.pdbx_strand_id   A,B
#
loop_
_chem_comp.id
_chem_comp.type
_chem_comp.name
_chem_comp.formula
8LE non-polymer '[[(2~{R},3~{S},4~{R},5~{R})-5-(6-aminopurin-9-yl)-3,4-bis(oxidanyl)oxolan-2-yl]methoxy-oxidanyl-phosphoryl] 2-methyl-2-oxidanyl-propanoate' 'C14 H20 N5 O9 P'
AMP non-polymer 'ADENOSINE MONOPHOSPHATE' 'C10 H14 N5 O7 P'
COA non-polymer 'COENZYME A' 'C21 H36 N7 O16 P3 S'
#
# COMPACT_ATOMS: atom_id res chain seq x y z
N HIS A 7 -20.08 1.74 -30.80
CA HIS A 7 -20.45 0.77 -29.78
C HIS A 7 -20.57 -0.64 -30.35
N HIS A 8 -20.10 -1.65 -29.57
CA HIS A 8 -20.12 -3.06 -29.95
C HIS A 8 -21.53 -3.64 -30.07
N HIS A 9 -21.77 -4.44 -31.14
CA HIS A 9 -23.05 -5.12 -31.47
C HIS A 9 -23.55 -6.09 -30.40
N SER A 10 -22.64 -6.55 -29.52
CA SER A 10 -22.93 -7.45 -28.39
C SER A 10 -23.72 -6.77 -27.25
N GLY A 11 -23.74 -5.43 -27.24
CA GLY A 11 -24.38 -4.63 -26.20
C GLY A 11 -23.50 -4.52 -24.96
N MET A 12 -22.30 -5.13 -25.01
CA MET A 12 -21.35 -5.15 -23.91
C MET A 12 -20.88 -3.75 -23.54
N GLU A 13 -20.96 -3.42 -22.25
CA GLU A 13 -20.65 -2.10 -21.71
C GLU A 13 -19.18 -1.76 -21.79
N GLU A 14 -18.88 -0.63 -22.48
CA GLU A 14 -17.55 -0.03 -22.64
C GLU A 14 -16.54 -1.08 -23.11
N TRP A 15 -17.00 -1.96 -24.02
CA TRP A 15 -16.26 -3.09 -24.56
C TRP A 15 -15.38 -2.65 -25.74
N ASN A 16 -14.09 -2.40 -25.46
CA ASN A 16 -13.11 -1.98 -26.47
C ASN A 16 -11.68 -2.24 -26.00
N PHE A 17 -10.76 -2.42 -26.96
CA PHE A 17 -9.35 -2.63 -26.62
C PHE A 17 -8.47 -1.61 -27.34
N PRO A 18 -7.57 -0.89 -26.63
CA PRO A 18 -7.38 -0.82 -25.16
C PRO A 18 -8.63 -0.28 -24.45
N VAL A 19 -8.93 -0.77 -23.23
CA VAL A 19 -10.11 -0.30 -22.48
C VAL A 19 -9.90 1.12 -21.93
N GLU A 20 -10.98 1.90 -21.84
CA GLU A 20 -10.96 3.26 -21.32
C GLU A 20 -12.27 3.50 -20.60
N TYR A 21 -12.34 3.07 -19.36
CA TYR A 21 -13.58 3.19 -18.59
C TYR A 21 -13.91 4.61 -18.19
N ASP A 22 -15.22 4.93 -18.23
CA ASP A 22 -15.81 6.16 -17.72
C ASP A 22 -15.58 6.09 -16.20
N GLU A 23 -14.79 7.02 -15.67
CA GLU A 23 -14.45 7.09 -14.24
C GLU A 23 -15.59 7.57 -13.34
N ASN A 24 -16.59 8.27 -13.88
CA ASN A 24 -17.69 8.83 -13.09
C ASN A 24 -18.95 7.95 -13.03
N TYR A 25 -19.00 6.85 -13.83
CA TYR A 25 -20.14 5.93 -13.83
C TYR A 25 -20.26 5.19 -12.49
N LEU A 26 -21.49 5.14 -11.99
CA LEU A 26 -21.88 4.38 -10.82
C LEU A 26 -23.22 3.73 -11.16
N PRO A 27 -23.42 2.44 -10.87
CA PRO A 27 -24.70 1.80 -11.24
C PRO A 27 -25.89 2.37 -10.45
N PRO A 28 -27.15 2.22 -10.93
CA PRO A 28 -28.30 2.64 -10.11
C PRO A 28 -28.23 1.88 -8.79
N ALA A 29 -28.63 2.53 -7.69
CA ALA A 29 -28.55 1.93 -6.36
C ALA A 29 -29.31 0.57 -6.17
N ASP A 30 -30.34 0.28 -7.02
CA ASP A 30 -31.16 -0.95 -7.01
C ASP A 30 -30.67 -2.07 -8.00
N SER A 31 -29.54 -1.83 -8.67
CA SER A 31 -28.93 -2.76 -9.62
C SER A 31 -28.04 -3.78 -8.92
N ARG A 32 -28.22 -5.06 -9.22
CA ARG A 32 -27.41 -6.14 -8.70
C ARG A 32 -26.07 -6.16 -9.46
N TYR A 33 -26.12 -5.83 -10.76
CA TYR A 33 -24.97 -5.90 -11.66
C TYR A 33 -24.42 -4.54 -11.98
N TRP A 34 -23.07 -4.41 -11.94
CA TRP A 34 -22.34 -3.20 -12.33
C TRP A 34 -22.49 -3.09 -13.86
N PHE A 35 -22.27 -4.21 -14.59
CA PHE A 35 -22.46 -4.29 -16.04
C PHE A 35 -23.49 -5.38 -16.32
N PRO A 36 -24.82 -5.06 -16.29
CA PRO A 36 -25.85 -6.11 -16.48
C PRO A 36 -25.69 -7.00 -17.72
N ARG A 37 -25.38 -6.42 -18.88
CA ARG A 37 -25.21 -7.16 -20.13
C ARG A 37 -23.97 -8.07 -20.08
N ARG A 38 -22.79 -7.54 -19.78
CA ARG A 38 -21.55 -8.33 -19.68
C ARG A 38 -21.67 -9.49 -18.66
N GLU A 39 -22.41 -9.26 -17.56
CA GLU A 39 -22.56 -10.23 -16.49
C GLU A 39 -23.69 -11.25 -16.67
N THR A 40 -24.76 -10.97 -17.48
CA THR A 40 -25.88 -11.89 -17.64
C THR A 40 -26.26 -12.26 -19.11
N MET A 41 -25.51 -11.76 -20.12
CA MET A 41 -25.78 -12.13 -21.52
C MET A 41 -25.58 -13.66 -21.71
N PRO A 42 -26.17 -14.32 -22.75
CA PRO A 42 -25.92 -15.76 -22.91
C PRO A 42 -24.43 -16.00 -23.15
N ALA A 43 -23.85 -16.96 -22.41
CA ALA A 43 -22.43 -17.32 -22.45
C ALA A 43 -21.90 -17.52 -23.87
N ALA A 44 -22.75 -18.10 -24.77
CA ALA A 44 -22.44 -18.36 -26.18
C ALA A 44 -22.10 -17.06 -26.92
N GLU A 45 -22.88 -15.97 -26.67
CA GLU A 45 -22.63 -14.65 -27.27
C GLU A 45 -21.37 -13.99 -26.66
N ARG A 46 -21.15 -14.16 -25.33
CA ARG A 46 -19.96 -13.65 -24.63
C ARG A 46 -18.69 -14.33 -25.16
N ASP A 47 -18.76 -15.65 -25.43
CA ASP A 47 -17.66 -16.44 -25.98
C ASP A 47 -17.25 -15.95 -27.38
N LYS A 48 -18.22 -15.50 -28.19
CA LYS A 48 -18.00 -14.92 -29.52
C LYS A 48 -17.22 -13.59 -29.35
N ALA A 49 -17.66 -12.76 -28.39
CA ALA A 49 -16.99 -11.49 -28.12
C ALA A 49 -15.59 -11.73 -27.56
N ILE A 50 -15.42 -12.73 -26.67
CA ILE A 50 -14.13 -13.10 -26.09
C ILE A 50 -13.14 -13.50 -27.21
N LEU A 51 -13.58 -14.34 -28.16
CA LEU A 51 -12.76 -14.77 -29.31
C LEU A 51 -12.19 -13.59 -30.12
N GLY A 52 -13.05 -12.61 -30.42
CA GLY A 52 -12.67 -11.38 -31.10
C GLY A 52 -11.63 -10.60 -30.31
N ARG A 53 -11.81 -10.54 -28.97
CA ARG A 53 -10.85 -9.86 -28.08
C ARG A 53 -9.49 -10.59 -28.04
N LEU A 54 -9.50 -11.93 -27.99
CA LEU A 54 -8.29 -12.76 -28.00
C LEU A 54 -7.49 -12.53 -29.26
N GLN A 55 -8.18 -12.33 -30.39
CA GLN A 55 -7.59 -12.02 -31.69
C GLN A 55 -6.91 -10.64 -31.58
N GLN A 56 -7.60 -9.63 -30.98
CA GLN A 56 -7.03 -8.28 -30.79
C GLN A 56 -5.79 -8.33 -29.89
N VAL A 57 -5.90 -8.99 -28.71
CA VAL A 57 -4.84 -9.12 -27.71
C VAL A 57 -3.62 -9.89 -28.29
N CYS A 58 -3.85 -11.01 -28.97
CA CYS A 58 -2.74 -11.78 -29.55
C CYS A 58 -2.04 -10.97 -30.62
N GLN A 59 -2.80 -10.25 -31.46
CA GLN A 59 -2.24 -9.38 -32.51
C GLN A 59 -1.41 -8.26 -31.86
N TYR A 60 -1.93 -7.65 -30.77
CA TYR A 60 -1.27 -6.63 -29.95
C TYR A 60 0.09 -7.15 -29.39
N ALA A 61 0.11 -8.36 -28.79
CA ALA A 61 1.35 -8.96 -28.24
C ALA A 61 2.34 -9.30 -29.34
N TRP A 62 1.87 -9.80 -30.49
CA TRP A 62 2.70 -10.13 -31.66
C TRP A 62 3.51 -8.89 -32.08
N GLU A 63 2.88 -7.68 -32.06
CA GLU A 63 3.47 -6.40 -32.48
C GLU A 63 4.34 -5.71 -31.44
N HIS A 64 4.01 -5.85 -30.11
CA HIS A 64 4.70 -5.12 -29.04
C HIS A 64 5.57 -5.96 -28.09
N ALA A 65 5.45 -7.30 -28.14
CA ALA A 65 6.18 -8.20 -27.26
C ALA A 65 7.00 -9.28 -28.00
N PRO A 66 8.35 -9.10 -28.14
CA PRO A 66 9.15 -10.16 -28.78
C PRO A 66 9.12 -11.48 -28.01
N PHE A 67 8.81 -11.45 -26.69
CA PHE A 67 8.67 -12.65 -25.85
C PHE A 67 7.62 -13.56 -26.48
N TYR A 68 6.42 -13.00 -26.79
CA TYR A 68 5.32 -13.77 -27.41
C TYR A 68 5.58 -14.14 -28.85
N ARG A 69 6.06 -13.20 -29.72
CA ARG A 69 6.30 -13.53 -31.12
C ARG A 69 7.27 -14.70 -31.25
N ARG A 70 8.38 -14.68 -30.47
CA ARG A 70 9.41 -15.72 -30.45
C ARG A 70 8.83 -17.08 -29.98
N LYS A 71 8.18 -17.10 -28.80
CA LYS A 71 7.55 -18.27 -28.19
C LYS A 71 6.50 -18.89 -29.14
N TRP A 72 5.67 -18.05 -29.77
CA TRP A 72 4.65 -18.48 -30.71
C TRP A 72 5.25 -19.06 -32.01
N GLU A 73 6.30 -18.41 -32.55
CA GLU A 73 6.99 -18.86 -33.78
C GLU A 73 7.63 -20.24 -33.59
N GLU A 74 8.24 -20.49 -32.40
CA GLU A 74 8.85 -21.77 -32.00
C GLU A 74 7.78 -22.86 -31.94
N ALA A 75 6.58 -22.51 -31.43
CA ALA A 75 5.45 -23.44 -31.33
C ALA A 75 4.64 -23.53 -32.62
N GLY A 76 5.08 -22.83 -33.68
CA GLY A 76 4.40 -22.81 -34.97
C GLY A 76 3.08 -22.06 -35.05
N PHE A 77 2.86 -21.06 -34.15
CA PHE A 77 1.63 -20.25 -34.11
C PHE A 77 1.81 -18.81 -34.63
N GLN A 78 0.76 -18.27 -35.25
CA GLN A 78 0.68 -16.86 -35.69
C GLN A 78 -0.75 -16.35 -35.58
N PRO A 79 -0.98 -15.07 -35.18
CA PRO A 79 -2.34 -14.55 -34.98
C PRO A 79 -3.40 -14.87 -36.05
N SER A 80 -3.02 -14.96 -37.33
CA SER A 80 -3.97 -15.28 -38.39
C SER A 80 -4.67 -16.66 -38.17
N GLN A 81 -4.01 -17.58 -37.40
CA GLN A 81 -4.48 -18.94 -37.10
C GLN A 81 -5.56 -19.01 -36.01
N LEU A 82 -5.70 -17.96 -35.17
CA LEU A 82 -6.71 -17.95 -34.11
C LEU A 82 -8.08 -17.64 -34.72
N LYS A 83 -8.88 -18.70 -34.98
CA LYS A 83 -10.20 -18.58 -35.61
C LYS A 83 -11.33 -19.19 -34.76
N SER A 84 -11.01 -19.78 -33.61
CA SER A 84 -11.94 -20.38 -32.66
C SER A 84 -11.24 -20.55 -31.32
N LEU A 85 -12.02 -20.78 -30.23
CA LEU A 85 -11.51 -21.03 -28.89
C LEU A 85 -10.79 -22.39 -28.83
N GLU A 86 -11.07 -23.26 -29.81
CA GLU A 86 -10.43 -24.57 -29.95
C GLU A 86 -9.02 -24.34 -30.48
N ASP A 87 -8.84 -23.36 -31.40
CA ASP A 87 -7.52 -22.99 -31.92
C ASP A 87 -6.67 -22.36 -30.83
N PHE A 88 -7.30 -21.55 -29.97
CA PHE A 88 -6.60 -20.91 -28.85
C PHE A 88 -5.97 -21.94 -27.89
N GLU A 89 -6.74 -22.96 -27.47
CA GLU A 89 -6.25 -23.98 -26.55
C GLU A 89 -5.23 -24.97 -27.17
N ALA A 90 -5.41 -25.29 -28.45
CA ALA A 90 -4.58 -26.27 -29.17
C ALA A 90 -3.33 -25.68 -29.79
N ARG A 91 -3.39 -24.40 -30.25
CA ARG A 91 -2.26 -23.79 -30.94
C ARG A 91 -1.37 -22.89 -30.09
N VAL A 92 -1.95 -22.10 -29.17
CA VAL A 92 -1.20 -21.16 -28.35
C VAL A 92 -0.53 -21.89 -27.19
N PRO A 93 0.81 -21.87 -27.10
CA PRO A 93 1.49 -22.57 -25.99
C PRO A 93 1.26 -21.80 -24.68
N VAL A 94 1.31 -22.52 -23.56
CA VAL A 94 1.11 -21.87 -22.27
C VAL A 94 2.37 -21.16 -21.78
N VAL A 95 2.19 -20.13 -20.95
CA VAL A 95 3.29 -19.37 -20.38
C VAL A 95 3.54 -19.89 -18.95
N LYS A 96 4.80 -20.19 -18.61
CA LYS A 96 5.19 -20.64 -17.27
C LYS A 96 5.92 -19.52 -16.56
N LYS A 97 5.96 -19.56 -15.22
CA LYS A 97 6.67 -18.55 -14.39
C LYS A 97 8.17 -18.50 -14.72
N THR A 98 8.81 -19.66 -15.02
CA THR A 98 10.22 -19.77 -15.41
C THR A 98 10.51 -19.00 -16.72
N ASP A 99 9.55 -18.99 -17.66
CA ASP A 99 9.64 -18.25 -18.93
C ASP A 99 9.65 -16.73 -18.66
N LEU A 100 8.87 -16.28 -17.69
CA LEU A 100 8.81 -14.88 -17.28
C LEU A 100 10.14 -14.44 -16.64
N ARG A 101 10.67 -15.23 -15.69
CA ARG A 101 11.98 -14.97 -15.03
C ARG A 101 13.10 -14.94 -16.07
N GLU A 102 13.11 -15.90 -17.03
CA GLU A 102 14.10 -15.95 -18.14
C GLU A 102 14.04 -14.69 -18.99
N SER A 103 12.83 -14.24 -19.37
CA SER A 103 12.61 -13.02 -20.15
C SER A 103 13.16 -11.77 -19.42
N GLN A 104 12.87 -11.63 -18.11
CA GLN A 104 13.31 -10.52 -17.25
C GLN A 104 14.82 -10.52 -17.03
N ALA A 105 15.43 -11.73 -16.99
CA ALA A 105 16.87 -11.89 -16.84
C ALA A 105 17.55 -11.43 -18.14
N ALA A 106 16.98 -11.80 -19.32
CA ALA A 106 17.52 -11.42 -20.64
C ALA A 106 17.23 -9.96 -21.00
N HIS A 107 16.06 -9.43 -20.56
CA HIS A 107 15.66 -8.05 -20.84
C HIS A 107 15.23 -7.32 -19.56
N PRO A 108 16.18 -6.98 -18.66
CA PRO A 108 15.82 -6.30 -17.41
C PRO A 108 15.31 -4.85 -17.54
N PRO A 109 14.45 -4.41 -16.59
CA PRO A 109 13.95 -5.15 -15.42
C PRO A 109 12.64 -5.91 -15.60
N PHE A 110 11.81 -5.56 -16.61
CA PHE A 110 10.46 -6.11 -16.77
C PHE A 110 10.24 -7.18 -17.87
N GLY A 111 11.30 -7.59 -18.57
CA GLY A 111 11.20 -8.60 -19.63
C GLY A 111 10.75 -8.02 -20.97
N ASP A 112 10.79 -8.82 -22.05
CA ASP A 112 10.37 -8.30 -23.34
C ASP A 112 8.90 -8.72 -23.69
N TYR A 113 8.01 -8.62 -22.68
CA TYR A 113 6.55 -8.82 -22.79
C TYR A 113 5.85 -7.62 -22.13
N VAL A 114 6.62 -6.58 -21.76
CA VAL A 114 6.13 -5.34 -21.13
C VAL A 114 5.14 -4.55 -22.07
N CYS A 115 5.38 -4.56 -23.41
CA CYS A 115 4.58 -3.98 -24.50
C CYS A 115 4.57 -2.47 -24.53
N VAL A 116 4.19 -1.84 -23.41
CA VAL A 116 4.12 -0.38 -23.27
C VAL A 116 5.52 0.21 -23.22
N PRO A 117 5.74 1.48 -23.64
CA PRO A 117 7.06 2.08 -23.43
C PRO A 117 7.25 2.32 -21.93
N ASN A 118 8.50 2.22 -21.45
CA ASN A 118 8.94 2.41 -20.05
C ASN A 118 8.33 3.65 -19.36
N SER A 119 8.12 4.75 -20.12
CA SER A 119 7.52 6.02 -19.69
C SER A 119 6.07 5.87 -19.22
N GLU A 120 5.41 4.79 -19.61
CA GLU A 120 4.03 4.52 -19.25
C GLU A 120 3.89 3.78 -17.91
N ILE A 121 5.01 3.25 -17.35
CA ILE A 121 4.98 2.51 -16.08
C ILE A 121 4.60 3.46 -14.93
N PHE A 122 3.50 3.12 -14.25
CA PHE A 122 2.91 3.86 -13.13
C PHE A 122 3.38 3.32 -11.75
N HIS A 123 3.23 2.01 -11.51
CA HIS A 123 3.63 1.35 -10.25
C HIS A 123 4.58 0.21 -10.50
N VAL A 124 5.45 -0.07 -9.52
CA VAL A 124 6.37 -1.19 -9.54
C VAL A 124 6.03 -2.05 -8.33
N HIS A 125 5.68 -3.32 -8.63
CA HIS A 125 5.36 -4.32 -7.64
C HIS A 125 6.10 -5.60 -8.00
N GLY A 126 5.89 -6.67 -7.25
CA GLY A 126 6.57 -7.93 -7.52
C GLY A 126 6.09 -9.12 -6.72
N THR A 127 6.72 -10.28 -6.95
CA THR A 127 6.44 -11.54 -6.25
C THR A 127 7.46 -11.77 -5.09
N SER A 128 7.20 -12.77 -4.24
CA SER A 128 8.07 -13.15 -3.12
C SER A 128 9.40 -13.74 -3.60
N ARG A 133 14.32 -16.36 -7.24
CA ARG A 133 14.40 -15.20 -8.14
C ARG A 133 12.99 -14.51 -8.29
N PRO A 134 12.83 -13.25 -7.84
CA PRO A 134 11.51 -12.61 -7.95
C PRO A 134 11.19 -12.06 -9.35
N THR A 135 9.90 -11.89 -9.61
CA THR A 135 9.33 -11.36 -10.83
C THR A 135 8.96 -9.90 -10.59
N ALA A 136 9.34 -8.98 -11.51
CA ALA A 136 9.02 -7.55 -11.41
C ALA A 136 7.77 -7.21 -12.20
N PHE A 137 6.84 -6.49 -11.58
CA PHE A 137 5.63 -6.00 -12.24
C PHE A 137 5.80 -4.52 -12.52
N GLY A 138 5.70 -4.17 -13.80
CA GLY A 138 5.73 -2.80 -14.29
C GLY A 138 4.36 -2.54 -14.87
N ILE A 139 3.46 -1.99 -14.06
CA ILE A 139 2.07 -1.75 -14.44
C ILE A 139 1.84 -0.33 -14.96
N GLY A 140 1.30 -0.25 -16.17
CA GLY A 140 0.99 1.03 -16.81
C GLY A 140 -0.21 1.71 -16.17
N ARG A 141 -0.28 3.03 -16.31
CA ARG A 141 -1.36 3.90 -15.84
C ARG A 141 -2.72 3.39 -16.30
N ALA A 142 -2.89 3.12 -17.61
CA ALA A 142 -4.12 2.59 -18.22
C ALA A 142 -4.52 1.23 -17.60
N ASP A 143 -3.54 0.33 -17.34
CA ASP A 143 -3.80 -0.96 -16.68
C ASP A 143 -4.21 -0.77 -15.22
N TRP A 144 -3.65 0.23 -14.52
CA TRP A 144 -4.03 0.50 -13.13
C TRP A 144 -5.52 0.93 -13.03
N ARG A 145 -5.98 1.74 -14.00
CA ARG A 145 -7.38 2.17 -14.10
C ARG A 145 -8.29 0.96 -14.44
N ALA A 146 -7.81 0.06 -15.32
CA ALA A 146 -8.52 -1.15 -15.75
C ALA A 146 -8.72 -2.11 -14.60
N ILE A 147 -7.73 -2.18 -13.68
CA ILE A 147 -7.77 -3.00 -12.48
C ILE A 147 -8.77 -2.42 -11.47
N ALA A 148 -8.66 -1.10 -11.17
CA ALA A 148 -9.54 -0.41 -10.21
C ALA A 148 -11.00 -0.51 -10.62
N ASN A 149 -11.28 -0.38 -11.93
CA ASN A 149 -12.62 -0.48 -12.49
C ASN A 149 -13.17 -1.90 -12.38
N ALA A 150 -12.38 -2.92 -12.78
CA ALA A 150 -12.80 -4.33 -12.63
C ALA A 150 -13.00 -4.70 -11.17
N HIS A 151 -12.11 -4.25 -10.26
CA HIS A 151 -12.27 -4.58 -8.84
C HIS A 151 -13.48 -3.87 -8.20
N ALA A 152 -13.78 -2.60 -8.56
CA ALA A 152 -15.00 -1.91 -8.08
C ALA A 152 -16.27 -2.65 -8.56
N ARG A 153 -16.25 -3.13 -9.81
CA ARG A 153 -17.37 -3.90 -10.42
C ARG A 153 -17.63 -5.22 -9.64
N ILE A 154 -16.55 -5.93 -9.27
CA ILE A 154 -16.64 -7.22 -8.56
C ILE A 154 -17.00 -7.01 -7.07
N MET A 155 -16.48 -5.94 -6.43
CA MET A 155 -16.81 -5.57 -5.06
C MET A 155 -18.30 -5.17 -4.95
N TRP A 156 -18.87 -4.50 -6.00
CA TRP A 156 -20.31 -4.19 -6.10
C TRP A 156 -21.13 -5.52 -6.04
N GLY A 157 -20.67 -6.55 -6.78
CA GLY A 157 -21.25 -7.88 -6.83
C GLY A 157 -21.32 -8.58 -5.47
N MET A 158 -20.41 -8.21 -4.56
CA MET A 158 -20.32 -8.73 -3.18
C MET A 158 -21.24 -7.95 -2.21
N GLY A 159 -21.93 -6.92 -2.72
CA GLY A 159 -22.81 -6.07 -1.92
C GLY A 159 -22.14 -4.81 -1.36
N ILE A 160 -20.85 -4.59 -1.68
CA ILE A 160 -20.10 -3.42 -1.23
C ILE A 160 -20.56 -2.20 -2.06
N ARG A 161 -20.80 -1.08 -1.37
CA ARG A 161 -21.39 0.13 -1.96
C ARG A 161 -20.62 1.45 -1.71
N PRO A 162 -20.85 2.49 -2.57
CA PRO A 162 -20.29 3.84 -2.31
C PRO A 162 -20.56 4.34 -0.88
N GLY A 163 -19.54 4.90 -0.24
CA GLY A 163 -19.68 5.41 1.11
C GLY A 163 -19.37 4.42 2.22
N ASP A 164 -19.40 3.09 1.90
CA ASP A 164 -19.07 2.05 2.86
C ASP A 164 -17.64 2.16 3.29
N LEU A 165 -17.41 2.02 4.58
CA LEU A 165 -16.05 2.03 5.10
C LEU A 165 -15.43 0.65 4.82
N VAL A 166 -14.35 0.61 4.01
CA VAL A 166 -13.64 -0.62 3.63
C VAL A 166 -12.23 -0.68 4.22
N CYS A 167 -12.01 -1.61 5.15
CA CYS A 167 -10.70 -1.84 5.74
C CYS A 167 -9.83 -2.75 4.88
N VAL A 168 -8.67 -2.26 4.45
CA VAL A 168 -7.72 -3.08 3.69
C VAL A 168 -6.59 -3.42 4.69
N ALA A 169 -6.70 -4.63 5.26
CA ALA A 169 -5.76 -5.08 6.28
C ALA A 169 -4.82 -6.15 5.79
N ALA A 170 -4.03 -5.80 4.78
CA ALA A 170 -3.01 -6.67 4.19
C ALA A 170 -1.85 -5.76 3.91
N VAL A 171 -0.61 -6.28 4.01
CA VAL A 171 0.65 -5.56 3.81
C VAL A 171 0.66 -4.75 2.51
N PHE A 172 1.01 -3.46 2.61
CA PHE A 172 1.13 -2.58 1.44
C PHE A 172 2.62 -2.48 1.14
N SER A 173 3.05 -3.30 0.18
CA SER A 173 4.45 -3.43 -0.23
C SER A 173 4.49 -3.91 -1.68
N LEU A 174 5.39 -4.87 -2.00
CA LEU A 174 5.59 -5.46 -3.32
C LEU A 174 4.35 -6.10 -3.87
N TYR A 175 3.62 -6.82 -3.00
CA TYR A 175 2.50 -7.68 -3.35
C TYR A 175 1.27 -6.91 -3.81
N MET A 176 0.66 -7.44 -4.90
CA MET A 176 -0.49 -6.86 -5.59
C MET A 176 -1.81 -6.88 -4.82
N GLY A 177 -1.92 -7.77 -3.83
CA GLY A 177 -3.12 -8.00 -3.04
C GLY A 177 -3.83 -6.78 -2.48
N SER A 178 -3.17 -6.10 -1.55
CA SER A 178 -3.70 -4.93 -0.85
C SER A 178 -3.95 -3.74 -1.80
N TRP A 179 -3.04 -3.45 -2.74
CA TRP A 179 -3.18 -2.36 -3.72
C TRP A 179 -4.38 -2.51 -4.62
N GLY A 180 -4.64 -3.75 -5.04
CA GLY A 180 -5.79 -4.11 -5.88
C GLY A 180 -7.12 -3.92 -5.17
N ALA A 181 -7.19 -4.29 -3.88
CA ALA A 181 -8.39 -4.10 -3.05
C ALA A 181 -8.62 -2.60 -2.82
N LEU A 182 -7.56 -1.87 -2.45
CA LEU A 182 -7.59 -0.40 -2.26
C LEU A 182 -8.06 0.35 -3.54
N ALA A 183 -7.49 0.01 -4.71
CA ALA A 183 -7.86 0.61 -6.01
C ALA A 183 -9.35 0.34 -6.33
N GLY A 184 -9.82 -0.87 -6.08
CA GLY A 184 -11.23 -1.19 -6.27
C GLY A 184 -12.12 -0.36 -5.35
N ALA A 185 -11.73 -0.26 -4.06
CA ALA A 185 -12.43 0.53 -3.02
C ALA A 185 -12.51 2.02 -3.41
N GLU A 186 -11.43 2.57 -4.00
CA GLU A 186 -11.35 3.96 -4.44
C GLU A 186 -12.30 4.22 -5.61
N ARG A 187 -12.30 3.32 -6.62
CA ARG A 187 -13.14 3.46 -7.82
C ARG A 187 -14.66 3.33 -7.47
N LEU A 188 -14.97 2.48 -6.49
CA LEU A 188 -16.32 2.21 -5.96
C LEU A 188 -16.89 3.42 -5.20
N ARG A 189 -16.00 4.35 -4.78
CA ARG A 189 -16.31 5.55 -3.99
C ARG A 189 -16.65 5.14 -2.54
N ALA A 190 -16.02 4.06 -2.08
CA ALA A 190 -16.09 3.61 -0.69
C ALA A 190 -15.15 4.51 0.14
N LYS A 191 -15.31 4.53 1.46
CA LYS A 191 -14.37 5.25 2.33
C LYS A 191 -13.20 4.24 2.54
N ALA A 192 -12.04 4.46 1.87
CA ALA A 192 -10.93 3.51 1.99
C ALA A 192 -10.16 3.69 3.29
N PHE A 193 -9.94 2.60 4.04
CA PHE A 193 -9.19 2.63 5.28
C PHE A 193 -7.98 1.70 5.09
N PRO A 194 -6.90 2.22 4.45
CA PRO A 194 -5.74 1.34 4.18
C PRO A 194 -4.83 1.18 5.37
N PHE A 195 -5.27 0.37 6.36
CA PHE A 195 -4.52 0.10 7.57
C PHE A 195 -3.31 -0.79 7.33
N GLY A 196 -3.43 -1.79 6.46
CA GLY A 196 -2.33 -2.71 6.19
C GLY A 196 -2.12 -3.76 7.26
N ALA A 197 -0.97 -4.45 7.21
CA ALA A 197 -0.60 -5.53 8.14
C ALA A 197 0.87 -5.85 8.00
N GLY A 198 1.38 -6.72 8.89
CA GLY A 198 2.76 -7.21 8.86
C GLY A 198 3.71 -6.76 9.95
N ALA A 199 3.47 -5.58 10.54
CA ALA A 199 4.36 -5.08 11.58
C ALA A 199 3.89 -5.44 12.99
N PRO A 200 4.81 -5.78 13.95
CA PRO A 200 4.38 -6.06 15.33
C PRO A 200 3.64 -4.87 15.96
N GLY A 201 2.59 -5.18 16.72
CA GLY A 201 1.74 -4.17 17.38
C GLY A 201 0.58 -3.67 16.53
N MET A 202 0.54 -4.06 15.24
CA MET A 202 -0.51 -3.60 14.30
C MET A 202 -1.90 -4.13 14.62
N SER A 203 -2.03 -5.46 14.85
CA SER A 203 -3.33 -6.11 15.11
C SER A 203 -4.05 -5.52 16.33
N ALA A 204 -3.34 -5.31 17.46
CA ALA A 204 -3.95 -4.71 18.65
C ALA A 204 -4.43 -3.27 18.40
N ARG A 205 -3.74 -2.54 17.51
CA ARG A 205 -4.10 -1.15 17.15
C ARG A 205 -5.34 -1.18 16.24
N LEU A 206 -5.35 -2.10 15.27
CA LEU A 206 -6.45 -2.30 14.34
C LEU A 206 -7.79 -2.62 15.02
N VAL A 207 -7.81 -3.52 16.01
CA VAL A 207 -9.05 -3.90 16.70
C VAL A 207 -9.72 -2.70 17.38
N GLN A 208 -8.93 -1.74 17.95
CA GLN A 208 -9.44 -0.49 18.53
C GLN A 208 -10.01 0.39 17.42
N TRP A 209 -9.31 0.48 16.25
CA TRP A 209 -9.75 1.28 15.09
C TRP A 209 -11.05 0.72 14.52
N LEU A 210 -11.18 -0.63 14.46
CA LEU A 210 -12.37 -1.29 13.92
C LEU A 210 -13.57 -1.17 14.86
N ASP A 211 -13.31 -1.19 16.16
CA ASP A 211 -14.34 -1.00 17.19
C ASP A 211 -14.84 0.45 17.17
N THR A 212 -13.99 1.41 16.80
CA THR A 212 -14.41 2.82 16.73
C THR A 212 -15.12 3.14 15.40
N MET A 213 -14.47 2.83 14.27
CA MET A 213 -14.88 3.18 12.91
C MET A 213 -16.04 2.33 12.33
N LYS A 214 -16.21 1.07 12.77
CA LYS A 214 -17.28 0.16 12.35
C LYS A 214 -17.26 -0.09 10.82
N PRO A 215 -16.23 -0.76 10.27
CA PRO A 215 -16.21 -0.99 8.82
C PRO A 215 -17.34 -1.88 8.31
N ALA A 216 -17.85 -1.59 7.10
CA ALA A 216 -18.87 -2.41 6.43
C ALA A 216 -18.20 -3.59 5.74
N ALA A 217 -16.93 -3.41 5.27
CA ALA A 217 -16.18 -4.46 4.59
C ALA A 217 -14.70 -4.50 5.01
N PHE A 218 -14.12 -5.70 4.92
CA PHE A 218 -12.75 -5.99 5.29
C PHE A 218 -12.11 -6.85 4.22
N TYR A 219 -10.85 -6.54 3.90
CA TYR A 219 -10.04 -7.31 2.97
C TYR A 219 -8.77 -7.76 3.67
N GLY A 220 -8.38 -9.00 3.41
CA GLY A 220 -7.12 -9.58 3.89
C GLY A 220 -6.98 -11.02 3.43
N THR A 221 -6.36 -11.85 4.28
CA THR A 221 -6.20 -13.28 4.04
C THR A 221 -7.09 -13.99 5.08
N PRO A 222 -7.60 -15.22 4.82
CA PRO A 222 -8.39 -15.92 5.84
C PRO A 222 -7.62 -16.12 7.15
N SER A 223 -6.31 -16.48 7.07
CA SER A 223 -5.46 -16.71 8.26
C SER A 223 -5.27 -15.43 9.08
N TYR A 224 -5.11 -14.27 8.39
CA TYR A 224 -4.95 -13.01 9.11
C TYR A 224 -6.27 -12.65 9.86
N ALA A 225 -7.45 -12.87 9.22
CA ALA A 225 -8.76 -12.64 9.85
C ALA A 225 -8.94 -13.54 11.12
N ILE A 226 -8.47 -14.80 11.06
CA ILE A 226 -8.51 -15.71 12.23
C ILE A 226 -7.61 -15.13 13.36
N HIS A 227 -6.39 -14.70 13.03
CA HIS A 227 -5.43 -14.08 13.96
C HIS A 227 -5.97 -12.76 14.57
N LEU A 228 -6.61 -11.92 13.74
CA LEU A 228 -7.18 -10.65 14.20
C LEU A 228 -8.36 -10.89 15.18
N ALA A 229 -9.17 -11.95 14.94
CA ALA A 229 -10.27 -12.33 15.83
C ALA A 229 -9.73 -12.73 17.21
N GLU A 230 -8.59 -13.42 17.24
CA GLU A 230 -7.93 -13.84 18.48
C GLU A 230 -7.33 -12.63 19.19
N VAL A 231 -6.68 -11.72 18.44
CA VAL A 231 -6.12 -10.49 19.03
C VAL A 231 -7.24 -9.64 19.68
N ALA A 232 -8.43 -9.58 19.02
CA ALA A 232 -9.60 -8.87 19.52
C ALA A 232 -10.01 -9.37 20.90
N ARG A 233 -10.19 -10.70 21.07
CA ARG A 233 -10.58 -11.33 22.34
C ARG A 233 -9.54 -11.15 23.46
N GLU A 234 -8.26 -11.06 23.09
CA GLU A 234 -7.16 -10.77 24.03
C GLU A 234 -7.29 -9.29 24.48
N GLU A 235 -7.74 -8.41 23.56
CA GLU A 235 -7.93 -6.98 23.81
C GLU A 235 -9.26 -6.67 24.47
N LYS A 236 -10.04 -7.71 24.84
CA LYS A 236 -11.35 -7.62 25.53
C LYS A 236 -12.40 -6.97 24.63
N LEU A 237 -12.32 -7.28 23.33
CA LEU A 237 -13.23 -6.79 22.30
C LEU A 237 -13.97 -7.95 21.62
N ASN A 238 -15.22 -7.72 21.23
CA ASN A 238 -16.01 -8.72 20.52
C ASN A 238 -15.85 -8.43 19.00
N PRO A 239 -15.21 -9.36 18.21
CA PRO A 239 -15.08 -9.13 16.75
C PRO A 239 -16.41 -8.94 16.01
N ARG A 240 -17.52 -9.49 16.56
CA ARG A 240 -18.88 -9.33 16.01
C ARG A 240 -19.39 -7.88 16.17
N ASN A 241 -18.71 -7.05 16.99
CA ASN A 241 -19.09 -5.67 17.23
C ASN A 241 -18.43 -4.65 16.32
N PHE A 242 -17.59 -5.10 15.35
CA PHE A 242 -16.94 -4.21 14.38
C PHE A 242 -17.95 -3.75 13.31
N GLY A 243 -19.14 -4.38 13.28
CA GLY A 243 -20.23 -4.07 12.36
C GLY A 243 -20.02 -4.43 10.91
N LEU A 244 -19.20 -5.45 10.62
CA LEU A 244 -18.93 -5.87 9.24
C LEU A 244 -20.10 -6.61 8.59
N LYS A 245 -20.41 -6.28 7.32
CA LYS A 245 -21.40 -6.98 6.48
C LYS A 245 -20.65 -8.14 5.82
N CYS A 246 -19.42 -7.89 5.36
CA CYS A 246 -18.63 -8.92 4.70
C CYS A 246 -17.12 -8.80 4.90
N LEU A 247 -16.43 -9.91 4.63
CA LEU A 247 -14.97 -10.00 4.58
C LEU A 247 -14.69 -10.67 3.25
N PHE A 248 -13.74 -10.14 2.48
CA PHE A 248 -13.36 -10.75 1.20
C PHE A 248 -11.87 -11.05 1.21
N PHE A 249 -11.49 -12.28 0.85
CA PHE A 249 -10.12 -12.76 0.95
C PHE A 249 -9.46 -13.23 -0.34
N SER A 250 -8.16 -13.00 -0.45
CA SER A 250 -7.33 -13.50 -1.56
C SER A 250 -5.89 -13.81 -1.06
N GLY A 251 -5.15 -14.62 -1.82
CA GLY A 251 -3.76 -14.93 -1.52
C GLY A 251 -3.43 -16.33 -1.04
N GLU A 252 -4.42 -17.01 -0.45
CA GLU A 252 -4.25 -18.34 0.11
C GLU A 252 -5.59 -19.04 0.22
N PRO A 253 -5.63 -20.40 0.32
CA PRO A 253 -6.93 -21.07 0.48
C PRO A 253 -7.55 -20.82 1.85
N GLY A 254 -8.86 -21.08 1.96
CA GLY A 254 -9.61 -20.89 3.20
C GLY A 254 -11.02 -20.38 3.01
N ALA A 255 -11.24 -19.43 2.07
CA ALA A 255 -12.58 -18.83 1.93
C ALA A 255 -13.62 -19.77 1.26
N SER A 256 -13.16 -20.93 0.69
CA SER A 256 -14.02 -21.97 0.12
C SER A 256 -13.86 -23.34 0.81
N VAL A 257 -13.16 -23.36 1.96
CA VAL A 257 -12.98 -24.53 2.83
C VAL A 257 -14.06 -24.38 3.91
N PRO A 258 -15.06 -25.30 3.94
CA PRO A 258 -16.20 -25.16 4.85
C PRO A 258 -15.90 -24.82 6.30
N GLY A 259 -14.99 -25.58 6.93
CA GLY A 259 -14.60 -25.38 8.33
C GLY A 259 -14.05 -23.99 8.61
N VAL A 260 -13.09 -23.54 7.78
CA VAL A 260 -12.43 -22.22 7.87
C VAL A 260 -13.43 -21.09 7.65
N LYS A 261 -14.19 -21.12 6.52
CA LYS A 261 -15.19 -20.11 6.17
C LYS A 261 -16.23 -19.91 7.30
N ASP A 262 -16.86 -21.02 7.76
CA ASP A 262 -17.86 -21.05 8.83
C ASP A 262 -17.36 -20.46 10.17
N ARG A 263 -16.11 -20.73 10.53
CA ARG A 263 -15.50 -20.21 11.76
C ARG A 263 -15.33 -18.68 11.67
N ILE A 264 -14.87 -18.16 10.50
CA ILE A 264 -14.70 -16.73 10.27
C ILE A 264 -16.07 -16.01 10.24
N GLU A 265 -17.06 -16.61 9.53
CA GLU A 265 -18.42 -16.05 9.44
C GLU A 265 -19.03 -15.96 10.85
N GLU A 266 -18.83 -17.00 11.68
CA GLU A 266 -19.31 -17.02 13.08
C GLU A 266 -18.55 -16.00 13.94
N ALA A 267 -17.20 -15.94 13.83
CA ALA A 267 -16.36 -15.02 14.62
C ALA A 267 -16.69 -13.55 14.41
N TYR A 268 -17.02 -13.15 13.16
CA TYR A 268 -17.32 -11.77 12.80
C TYR A 268 -18.81 -11.43 12.65
N GLY A 269 -19.65 -12.45 12.48
CA GLY A 269 -21.08 -12.26 12.26
C GLY A 269 -21.33 -11.64 10.91
N ALA A 270 -20.53 -12.04 9.89
CA ALA A 270 -20.60 -11.47 8.53
C ALA A 270 -20.44 -12.55 7.48
N LYS A 271 -20.61 -12.18 6.21
CA LYS A 271 -20.44 -13.11 5.08
C LYS A 271 -18.99 -13.09 4.58
N VAL A 272 -18.46 -14.25 4.19
CA VAL A 272 -17.10 -14.38 3.67
C VAL A 272 -17.14 -14.65 2.18
N TYR A 273 -16.35 -13.90 1.39
CA TYR A 273 -16.25 -14.11 -0.05
C TYR A 273 -14.84 -14.49 -0.46
N ASP A 274 -14.75 -15.50 -1.33
CA ASP A 274 -13.49 -15.98 -1.89
C ASP A 274 -13.23 -15.25 -3.21
N CYS A 275 -11.97 -14.86 -3.45
CA CYS A 275 -11.51 -14.24 -4.69
C CYS A 275 -10.01 -14.46 -4.84
N GLY A 276 -9.47 -14.25 -6.04
CA GLY A 276 -8.04 -14.33 -6.22
C GLY A 276 -7.50 -15.42 -7.10
N SER A 277 -6.82 -15.00 -8.16
CA SER A 277 -6.14 -15.89 -9.07
C SER A 277 -4.62 -15.80 -8.75
N MET A 278 -3.88 -14.89 -9.41
CA MET A 278 -2.43 -14.71 -9.24
C MET A 278 -2.12 -13.22 -9.39
N ALA A 279 -1.01 -12.74 -8.73
CA ALA A 279 -0.51 -11.34 -8.82
C ALA A 279 -0.23 -10.96 -10.28
N GLU A 280 0.32 -11.92 -11.07
CA GLU A 280 0.59 -11.79 -12.51
C GLU A 280 -0.70 -11.51 -13.27
N MET A 281 -1.84 -11.96 -12.71
CA MET A 281 -3.16 -11.85 -13.33
C MET A 281 -3.99 -10.69 -12.80
N SER A 282 -3.38 -9.66 -12.17
CA SER A 282 -4.15 -8.49 -11.72
C SER A 282 -4.85 -7.89 -12.94
N PRO A 283 -6.19 -7.63 -12.91
CA PRO A 283 -7.14 -7.71 -11.79
C PRO A 283 -7.36 -9.14 -11.31
N PHE A 284 -6.81 -9.48 -10.13
CA PHE A 284 -6.85 -10.85 -9.58
C PHE A 284 -8.24 -11.27 -9.09
N MET A 285 -9.17 -10.31 -8.91
CA MET A 285 -10.54 -10.66 -8.49
C MET A 285 -11.38 -11.22 -9.67
N ASN A 286 -10.72 -11.57 -10.82
CA ASN A 286 -11.34 -12.21 -11.99
C ASN A 286 -12.00 -13.55 -11.62
N VAL A 287 -11.54 -14.15 -10.52
CA VAL A 287 -12.18 -15.33 -9.93
C VAL A 287 -12.63 -14.81 -8.58
N ALA A 288 -13.94 -14.76 -8.37
CA ALA A 288 -14.57 -14.20 -7.16
C ALA A 288 -16.01 -14.60 -6.99
N GLY A 289 -16.40 -14.86 -5.73
CA GLY A 289 -17.79 -15.15 -5.39
C GLY A 289 -18.64 -13.89 -5.39
N THR A 290 -19.98 -14.06 -5.40
CA THR A 290 -20.90 -12.92 -5.36
C THR A 290 -21.78 -13.03 -4.14
N GLU A 291 -22.50 -11.96 -3.79
CA GLU A 291 -23.40 -11.97 -2.64
C GLU A 291 -24.38 -13.19 -2.66
N GLN A 292 -24.97 -13.52 -3.83
CA GLN A 292 -25.91 -14.65 -3.91
C GLN A 292 -25.19 -15.96 -4.28
N SER A 293 -24.13 -15.92 -5.11
CA SER A 293 -23.30 -17.09 -5.43
C SER A 293 -22.09 -16.99 -4.47
N ASN A 294 -22.39 -17.05 -3.16
CA ASN A 294 -21.40 -16.82 -2.11
C ASN A 294 -20.46 -18.00 -1.85
N ASP A 295 -20.78 -19.19 -2.40
CA ASP A 295 -19.94 -20.37 -2.22
C ASP A 295 -19.03 -20.54 -3.41
N GLY A 296 -17.73 -20.59 -3.13
CA GLY A 296 -16.76 -20.69 -4.20
C GLY A 296 -16.64 -19.39 -4.96
N MET A 297 -16.29 -19.50 -6.26
CA MET A 297 -16.03 -18.31 -7.09
C MET A 297 -16.60 -18.38 -8.48
N LEU A 298 -16.90 -17.20 -9.08
CA LEU A 298 -17.32 -17.14 -10.48
C LEU A 298 -16.09 -16.76 -11.33
N CYS A 299 -16.00 -17.26 -12.58
CA CYS A 299 -14.94 -16.86 -13.53
C CYS A 299 -15.53 -15.70 -14.36
N TRP A 300 -15.10 -14.45 -14.07
CA TRP A 300 -15.57 -13.23 -14.77
C TRP A 300 -14.81 -13.17 -16.10
N GLN A 301 -15.28 -13.98 -17.07
CA GLN A 301 -14.68 -14.27 -18.38
C GLN A 301 -14.39 -13.07 -19.29
N ASP A 302 -15.18 -11.98 -19.22
CA ASP A 302 -14.95 -10.79 -20.09
C ASP A 302 -13.90 -9.83 -19.51
N ILE A 303 -13.36 -10.16 -18.33
CA ILE A 303 -12.27 -9.39 -17.71
C ILE A 303 -10.96 -10.14 -17.99
N ILE A 304 -10.95 -11.44 -17.67
CA ILE A 304 -9.84 -12.36 -17.87
C ILE A 304 -10.46 -13.66 -18.31
N TYR A 305 -9.94 -14.26 -19.41
CA TYR A 305 -10.43 -15.54 -19.91
C TYR A 305 -9.75 -16.73 -19.16
N THR A 306 -10.52 -17.42 -18.31
CA THR A 306 -10.06 -18.59 -17.58
C THR A 306 -10.38 -19.87 -18.36
N GLU A 307 -9.41 -20.77 -18.46
CA GLU A 307 -9.56 -22.10 -19.07
C GLU A 307 -9.12 -23.11 -18.02
N VAL A 308 -10.04 -24.01 -17.60
CA VAL A 308 -9.66 -25.08 -16.67
C VAL A 308 -9.28 -26.25 -17.60
N CYS A 309 -7.97 -26.57 -17.64
CA CYS A 309 -7.32 -27.51 -18.56
C CYS A 309 -6.80 -28.79 -17.94
N ASP A 310 -6.60 -29.78 -18.81
CA ASP A 310 -5.96 -31.04 -18.48
C ASP A 310 -4.46 -30.72 -18.67
N PRO A 311 -3.63 -30.83 -17.59
CA PRO A 311 -2.19 -30.46 -17.72
C PRO A 311 -1.40 -31.30 -18.74
N ALA A 312 -1.92 -32.50 -19.12
CA ALA A 312 -1.26 -33.38 -20.09
C ALA A 312 -1.24 -32.80 -21.52
N ASN A 313 -2.23 -31.96 -21.87
CA ASN A 313 -2.34 -31.39 -23.22
C ASN A 313 -2.70 -29.88 -23.27
N MET A 314 -3.02 -29.25 -22.10
CA MET A 314 -3.42 -27.82 -21.96
C MET A 314 -4.70 -27.42 -22.77
N ARG A 315 -5.65 -28.37 -22.85
CA ARG A 315 -6.95 -28.17 -23.50
C ARG A 315 -8.02 -28.24 -22.42
N ARG A 316 -9.11 -27.49 -22.60
CA ARG A 316 -10.21 -27.39 -21.62
C ARG A 316 -10.78 -28.74 -21.25
N VAL A 317 -11.00 -28.98 -19.94
CA VAL A 317 -11.64 -30.21 -19.46
C VAL A 317 -13.15 -29.94 -19.55
N PRO A 318 -14.03 -30.97 -19.63
CA PRO A 318 -15.47 -30.65 -19.67
C PRO A 318 -15.94 -30.15 -18.30
N TYR A 319 -17.07 -29.43 -18.25
CA TYR A 319 -17.65 -28.93 -17.01
C TYR A 319 -18.04 -30.11 -16.09
N GLY A 320 -17.74 -29.95 -14.79
CA GLY A 320 -17.96 -30.97 -13.77
C GLY A 320 -16.69 -31.76 -13.52
N GLN A 321 -15.61 -31.40 -14.23
CA GLN A 321 -14.32 -32.05 -14.11
C GLN A 321 -13.27 -31.15 -13.49
N ARG A 322 -12.18 -31.77 -13.02
CA ARG A 322 -11.05 -31.12 -12.40
C ARG A 322 -9.94 -30.84 -13.40
N GLY A 323 -9.25 -29.72 -13.22
CA GLY A 323 -8.13 -29.30 -14.03
C GLY A 323 -7.35 -28.14 -13.46
N THR A 324 -6.47 -27.57 -14.27
CA THR A 324 -5.62 -26.44 -13.89
C THR A 324 -6.08 -25.12 -14.53
N PRO A 325 -6.32 -24.05 -13.72
CA PRO A 325 -6.67 -22.76 -14.34
C PRO A 325 -5.51 -22.22 -15.17
N VAL A 326 -5.85 -21.77 -16.38
CA VAL A 326 -4.97 -21.16 -17.38
C VAL A 326 -5.66 -19.83 -17.67
N TYR A 327 -4.93 -18.69 -17.54
CA TYR A 327 -5.53 -17.35 -17.67
C TYR A 327 -4.95 -16.44 -18.76
N THR A 328 -5.86 -15.66 -19.41
CA THR A 328 -5.51 -14.68 -20.43
C THR A 328 -6.13 -13.33 -20.11
N HIS A 329 -5.29 -12.26 -20.07
CA HIS A 329 -5.76 -10.90 -19.89
C HIS A 329 -6.49 -10.47 -21.15
N LEU A 330 -7.67 -9.85 -20.97
CA LEU A 330 -8.49 -9.29 -22.05
C LEU A 330 -8.46 -7.73 -22.06
N GLU A 331 -8.00 -7.08 -20.96
CA GLU A 331 -8.00 -5.61 -20.82
C GLU A 331 -6.71 -5.07 -20.22
N ARG A 332 -5.56 -5.57 -20.70
CA ARG A 332 -4.24 -5.11 -20.26
C ARG A 332 -3.30 -4.86 -21.42
N THR A 333 -2.59 -3.72 -21.38
CA THR A 333 -1.63 -3.34 -22.42
C THR A 333 -0.19 -3.46 -21.90
N SER A 334 0.00 -3.53 -20.56
CA SER A 334 1.32 -3.64 -19.92
C SER A 334 1.46 -5.04 -19.31
N GLN A 335 2.57 -5.73 -19.65
CA GLN A 335 2.86 -7.11 -19.26
C GLN A 335 1.62 -8.03 -19.40
N PRO A 336 0.89 -8.00 -20.55
CA PRO A 336 -0.30 -8.88 -20.66
C PRO A 336 0.08 -10.35 -20.59
N MET A 337 -0.73 -11.14 -19.84
CA MET A 337 -0.53 -12.59 -19.70
C MET A 337 -1.44 -13.36 -20.65
N ILE A 338 -0.86 -14.16 -21.57
CA ILE A 338 -1.61 -14.93 -22.57
C ILE A 338 -1.38 -16.41 -22.31
N ARG A 339 -2.40 -17.07 -21.74
CA ARG A 339 -2.42 -18.50 -21.34
C ARG A 339 -1.36 -18.82 -20.28
N LEU A 340 -1.35 -18.05 -19.17
CA LEU A 340 -0.44 -18.28 -18.05
C LEU A 340 -0.96 -19.46 -17.25
N LEU A 341 -0.11 -20.50 -17.13
CA LEU A 341 -0.44 -21.71 -16.37
C LEU A 341 -0.28 -21.38 -14.89
N SER A 342 -1.34 -21.62 -14.12
CA SER A 342 -1.35 -21.33 -12.68
C SER A 342 -0.66 -22.42 -11.87
N GLY A 343 -0.84 -23.67 -12.32
CA GLY A 343 -0.32 -24.86 -11.65
C GLY A 343 -1.21 -25.31 -10.51
N ASP A 344 -2.33 -24.61 -10.30
CA ASP A 344 -3.31 -24.93 -9.25
C ASP A 344 -4.29 -25.95 -9.74
N LEU A 345 -5.11 -26.42 -8.83
CA LEU A 345 -6.14 -27.40 -9.17
C LEU A 345 -7.50 -26.81 -8.82
N THR A 346 -8.51 -27.15 -9.61
CA THR A 346 -9.88 -26.66 -9.37
C THR A 346 -10.86 -27.53 -10.11
N LEU A 347 -12.14 -27.40 -9.75
CA LEU A 347 -13.26 -28.03 -10.43
C LEU A 347 -14.12 -26.88 -10.96
N TRP A 348 -14.58 -26.97 -12.23
CA TRP A 348 -15.48 -25.95 -12.76
C TRP A 348 -16.78 -26.56 -13.25
N THR A 349 -17.88 -25.81 -13.12
CA THR A 349 -19.21 -26.21 -13.59
C THR A 349 -19.79 -25.04 -14.38
N ASN A 350 -20.87 -25.27 -15.11
CA ASN A 350 -21.57 -24.23 -15.87
C ASN A 350 -23.09 -24.33 -15.64
N ASP A 351 -23.46 -24.48 -14.38
CA ASP A 351 -24.87 -24.56 -13.99
C ASP A 351 -25.37 -23.16 -13.69
N GLU A 352 -26.67 -23.03 -13.44
CA GLU A 352 -27.27 -21.74 -13.12
C GLU A 352 -26.66 -21.25 -11.80
N ASN A 353 -26.37 -19.96 -11.72
CA ASN A 353 -25.79 -19.37 -10.52
C ASN A 353 -26.88 -18.63 -9.77
N PRO A 354 -26.94 -18.72 -8.41
CA PRO A 354 -28.00 -17.99 -7.67
C PRO A 354 -28.09 -16.48 -7.97
N CYS A 355 -26.95 -15.80 -8.25
CA CYS A 355 -26.96 -14.36 -8.51
C CYS A 355 -27.50 -13.97 -9.91
N GLY A 356 -27.61 -14.95 -10.81
CA GLY A 356 -28.08 -14.74 -12.18
C GLY A 356 -26.96 -14.46 -13.17
N ARG A 357 -25.71 -14.40 -12.73
CA ARG A 357 -24.58 -14.21 -13.65
C ARG A 357 -24.32 -15.49 -14.46
N THR A 358 -24.11 -15.36 -15.75
CA THR A 358 -23.92 -16.48 -16.69
C THR A 358 -22.42 -16.81 -16.91
N TYR A 359 -21.68 -16.92 -15.78
CA TYR A 359 -20.25 -17.24 -15.75
C TYR A 359 -20.01 -18.66 -15.24
N PRO A 360 -18.93 -19.36 -15.71
CA PRO A 360 -18.57 -20.66 -15.09
C PRO A 360 -18.24 -20.43 -13.61
N ARG A 361 -18.51 -21.43 -12.79
CA ARG A 361 -18.27 -21.40 -11.34
C ARG A 361 -17.20 -22.41 -10.91
N LEU A 362 -16.43 -22.04 -9.88
CA LEU A 362 -15.45 -22.88 -9.22
C LEU A 362 -16.08 -23.16 -7.84
N PRO A 363 -16.95 -24.20 -7.71
CA PRO A 363 -17.68 -24.43 -6.45
C PRO A 363 -16.87 -24.69 -5.18
N GLN A 364 -15.65 -25.22 -5.32
CA GLN A 364 -14.79 -25.45 -4.16
C GLN A 364 -13.59 -24.50 -4.17
N GLY A 365 -13.73 -23.41 -4.94
CA GLY A 365 -12.67 -22.43 -5.13
C GLY A 365 -11.46 -23.09 -5.76
N ILE A 366 -10.27 -22.70 -5.31
CA ILE A 366 -8.98 -23.22 -5.78
C ILE A 366 -8.30 -23.99 -4.63
N PHE A 367 -7.89 -25.22 -4.91
CA PHE A 367 -7.27 -26.15 -3.96
C PHE A 367 -6.16 -26.91 -4.72
N GLY A 368 -5.21 -27.49 -4.00
CA GLY A 368 -4.15 -28.29 -4.58
C GLY A 368 -3.31 -27.76 -5.72
N ARG A 369 -2.49 -28.64 -6.28
CA ARG A 369 -1.55 -28.33 -7.35
C ARG A 369 -1.44 -29.48 -8.34
N ILE A 370 -0.85 -29.21 -9.51
CA ILE A 370 -0.59 -30.21 -10.56
C ILE A 370 0.72 -30.96 -10.30
N ASP A 371 1.49 -30.51 -9.29
CA ASP A 371 2.77 -31.09 -8.87
C ASP A 371 2.69 -32.62 -8.71
N ASP A 372 3.59 -33.32 -9.40
CA ASP A 372 3.81 -34.77 -9.37
C ASP A 372 2.60 -35.60 -9.80
N MET A 373 1.79 -35.04 -10.70
CA MET A 373 0.63 -35.68 -11.28
C MET A 373 1.09 -36.89 -12.08
N PHE A 374 0.26 -37.95 -12.10
CA PHE A 374 0.52 -39.18 -12.85
C PHE A 374 -0.79 -39.74 -13.40
N THR A 375 -0.68 -40.64 -14.40
CA THR A 375 -1.85 -41.25 -15.02
C THR A 375 -1.98 -42.70 -14.61
N ILE A 376 -3.20 -43.09 -14.22
CA ILE A 376 -3.60 -44.46 -13.91
C ILE A 376 -4.73 -44.73 -14.93
N ARG A 377 -4.36 -45.24 -16.13
CA ARG A 377 -5.21 -45.58 -17.27
C ARG A 377 -6.19 -44.50 -17.66
N GLY A 378 -5.67 -43.47 -18.33
CA GLY A 378 -6.45 -42.31 -18.78
C GLY A 378 -6.67 -41.25 -17.71
N GLU A 379 -6.87 -41.68 -16.45
CA GLU A 379 -7.16 -40.78 -15.33
C GLU A 379 -5.93 -40.09 -14.72
N ASN A 380 -6.03 -38.77 -14.56
CA ASN A 380 -4.99 -37.95 -13.93
C ASN A 380 -5.19 -38.02 -12.42
N ILE A 381 -4.10 -38.35 -11.71
CA ILE A 381 -4.10 -38.49 -10.27
C ILE A 381 -3.24 -37.39 -9.67
N TYR A 382 -3.79 -36.65 -8.70
CA TYR A 382 -3.05 -35.59 -8.07
C TYR A 382 -2.66 -35.93 -6.65
N PRO A 383 -1.33 -36.01 -6.36
CA PRO A 383 -0.88 -36.25 -4.97
C PRO A 383 -1.50 -35.32 -3.91
N SER A 384 -1.81 -34.06 -4.26
CA SER A 384 -2.43 -33.10 -3.33
C SER A 384 -3.84 -33.54 -2.91
N GLU A 385 -4.56 -34.20 -3.82
CA GLU A 385 -5.91 -34.75 -3.60
C GLU A 385 -5.89 -35.96 -2.67
N ILE A 386 -4.87 -36.81 -2.79
CA ILE A 386 -4.66 -37.98 -1.92
C ILE A 386 -4.30 -37.44 -0.53
N ASP A 387 -3.45 -36.39 -0.47
CA ASP A 387 -3.06 -35.77 0.77
C ASP A 387 -4.27 -35.17 1.49
N ALA A 388 -5.14 -34.44 0.75
CA ALA A 388 -6.38 -33.83 1.24
C ALA A 388 -7.39 -34.90 1.75
N ALA A 389 -7.55 -36.04 1.06
CA ALA A 389 -8.46 -37.13 1.46
C ALA A 389 -8.06 -37.75 2.81
N LEU A 390 -6.76 -38.06 3.01
CA LEU A 390 -6.24 -38.64 4.24
C LEU A 390 -6.29 -37.67 5.39
N ASN A 391 -6.09 -36.37 5.12
CA ASN A 391 -6.16 -35.33 6.15
C ASN A 391 -7.61 -35.04 6.64
N GLN A 392 -8.65 -35.66 6.02
CA GLN A 392 -10.05 -35.55 6.48
C GLN A 392 -10.23 -36.53 7.67
N MET A 393 -9.27 -37.46 7.87
CA MET A 393 -9.34 -38.51 8.90
C MET A 393 -8.65 -38.20 10.20
N SER A 394 -9.38 -38.32 11.30
CA SER A 394 -8.85 -38.12 12.66
C SER A 394 -7.82 -39.21 13.05
N GLY A 395 -7.93 -40.40 12.44
CA GLY A 395 -7.01 -41.52 12.64
C GLY A 395 -5.74 -41.50 11.82
N TYR A 396 -5.59 -40.53 10.89
CA TYR A 396 -4.39 -40.40 10.03
C TYR A 396 -3.18 -39.90 10.83
N GLY A 397 -2.04 -40.60 10.67
CA GLY A 397 -0.78 -40.36 11.36
C GLY A 397 0.09 -39.22 10.88
N GLY A 398 -0.19 -38.71 9.69
CA GLY A 398 0.54 -37.57 9.15
C GLY A 398 1.48 -37.88 8.02
N GLU A 399 1.67 -39.16 7.69
CA GLU A 399 2.54 -39.56 6.59
C GLU A 399 2.01 -40.72 5.79
N HIS A 400 2.35 -40.70 4.49
CA HIS A 400 2.00 -41.73 3.53
C HIS A 400 2.98 -41.72 2.34
N ARG A 401 2.98 -42.81 1.55
CA ARG A 401 3.77 -42.89 0.32
C ARG A 401 2.90 -43.44 -0.80
N ILE A 402 3.15 -42.97 -2.04
CA ILE A 402 2.41 -43.39 -3.22
C ILE A 402 3.33 -44.28 -4.04
N VAL A 403 2.95 -45.54 -4.22
CA VAL A 403 3.73 -46.53 -4.96
C VAL A 403 2.92 -47.03 -6.15
N ILE A 404 3.47 -46.84 -7.36
CA ILE A 404 2.85 -47.28 -8.62
C ILE A 404 3.68 -48.42 -9.20
N THR A 405 3.01 -49.44 -9.76
CA THR A 405 3.64 -50.58 -10.41
C THR A 405 2.95 -50.90 -11.76
N ARG A 406 3.67 -51.63 -12.65
CA ARG A 406 3.26 -52.08 -14.00
C ARG A 406 2.78 -50.96 -14.91
N MET A 410 0.20 -46.00 -14.62
CA MET A 410 -0.79 -46.83 -15.32
C MET A 410 -0.66 -48.30 -14.88
N ASP A 411 -1.75 -48.86 -14.31
CA ASP A 411 -2.03 -50.25 -13.86
C ASP A 411 -2.28 -50.41 -12.33
N GLU A 412 -1.23 -50.43 -11.45
CA GLU A 412 -1.48 -50.65 -10.01
C GLU A 412 -1.10 -49.48 -9.09
N LEU A 413 -2.06 -49.03 -8.25
CA LEU A 413 -1.85 -47.91 -7.33
C LEU A 413 -1.92 -48.33 -5.85
N LEU A 414 -0.77 -48.31 -5.16
CA LEU A 414 -0.64 -48.67 -3.75
C LEU A 414 -0.39 -47.45 -2.86
N LEU A 415 -1.09 -47.38 -1.73
CA LEU A 415 -0.95 -46.31 -0.75
C LEU A 415 -0.47 -46.89 0.57
N ARG A 416 0.72 -46.42 1.04
CA ARG A 416 1.32 -46.85 2.32
C ARG A 416 1.02 -45.74 3.29
N VAL A 417 0.13 -45.97 4.26
CA VAL A 417 -0.38 -44.94 5.15
C VAL A 417 -0.05 -45.18 6.62
N GLU A 418 0.39 -44.11 7.31
CA GLU A 418 0.59 -44.21 8.75
C GLU A 418 -0.72 -43.95 9.48
N PRO A 419 -1.12 -44.84 10.43
CA PRO A 419 -2.23 -44.48 11.32
C PRO A 419 -1.60 -43.60 12.43
N SER A 420 -2.42 -42.92 13.24
CA SER A 420 -1.90 -42.16 14.36
C SER A 420 -1.49 -43.15 15.46
N GLU A 421 -0.78 -42.67 16.50
CA GLU A 421 -0.38 -43.49 17.64
C GLU A 421 -1.57 -44.08 18.40
N SER A 422 -2.67 -43.30 18.58
CA SER A 422 -3.85 -43.81 19.31
C SER A 422 -4.59 -44.94 18.55
N VAL A 423 -4.65 -44.89 17.20
CA VAL A 423 -5.29 -45.92 16.39
C VAL A 423 -4.46 -47.21 16.50
N HIS A 424 -3.13 -47.05 16.41
CA HIS A 424 -2.19 -48.16 16.52
C HIS A 424 -2.23 -48.84 17.91
N ALA A 425 -2.43 -48.04 18.99
CA ALA A 425 -2.53 -48.53 20.36
C ALA A 425 -3.86 -49.24 20.62
N ALA A 426 -4.95 -48.77 19.98
CA ALA A 426 -6.30 -49.33 20.15
C ALA A 426 -6.48 -50.75 19.58
N GLY A 427 -5.48 -51.25 18.86
CA GLY A 427 -5.46 -52.62 18.37
C GLY A 427 -5.73 -52.90 16.92
N ALA A 428 -5.68 -54.22 16.59
CA ALA A 428 -5.88 -54.85 15.29
C ALA A 428 -7.19 -54.43 14.60
N ALA A 429 -8.34 -54.49 15.30
CA ALA A 429 -9.63 -54.10 14.74
C ALA A 429 -9.71 -52.61 14.45
N ALA A 430 -9.12 -51.74 15.32
CA ALA A 430 -9.08 -50.28 15.12
C ALA A 430 -8.20 -49.89 13.92
N LEU A 431 -7.15 -50.67 13.65
CA LEU A 431 -6.24 -50.44 12.52
C LEU A 431 -6.91 -50.78 11.18
N GLU A 432 -7.66 -51.89 11.17
CA GLU A 432 -8.38 -52.36 9.99
C GLU A 432 -9.55 -51.44 9.63
N THR A 433 -10.31 -50.96 10.63
CA THR A 433 -11.42 -50.01 10.44
C THR A 433 -10.86 -48.72 9.76
N PHE A 434 -9.73 -48.20 10.28
CA PHE A 434 -9.04 -47.04 9.74
C PHE A 434 -8.54 -47.31 8.29
N ARG A 435 -7.88 -48.46 8.03
CA ARG A 435 -7.36 -48.82 6.71
C ARG A 435 -8.50 -48.92 5.65
N THR A 436 -9.64 -49.55 6.01
CA THR A 436 -10.81 -49.70 5.13
C THR A 436 -11.46 -48.35 4.79
N GLU A 437 -11.63 -47.48 5.81
CA GLU A 437 -12.22 -46.14 5.64
C GLU A 437 -11.33 -45.26 4.75
N ALA A 438 -10.00 -45.37 4.92
CA ALA A 438 -8.99 -44.63 4.16
C ALA A 438 -9.05 -45.02 2.68
N SER A 439 -9.26 -46.32 2.43
CA SER A 439 -9.44 -46.87 1.08
C SER A 439 -10.72 -46.33 0.46
N HIS A 440 -11.83 -46.26 1.25
CA HIS A 440 -13.12 -45.71 0.77
C HIS A 440 -12.98 -44.23 0.39
N ARG A 441 -12.38 -43.40 1.27
CA ARG A 441 -12.18 -41.96 1.07
C ARG A 441 -11.25 -41.65 -0.10
N VAL A 442 -10.17 -42.43 -0.27
CA VAL A 442 -9.24 -42.22 -1.37
C VAL A 442 -9.95 -42.49 -2.72
N GLN A 443 -10.67 -43.61 -2.83
CA GLN A 443 -11.49 -43.94 -3.99
C GLN A 443 -12.50 -42.84 -4.31
N THR A 444 -13.13 -42.25 -3.29
CA THR A 444 -14.11 -41.17 -3.48
C THR A 444 -13.45 -39.94 -4.16
N VAL A 445 -12.31 -39.50 -3.63
CA VAL A 445 -11.63 -38.31 -4.11
C VAL A 445 -11.00 -38.53 -5.51
N LEU A 446 -10.30 -39.64 -5.69
CA LEU A 446 -9.61 -40.01 -6.94
C LEU A 446 -10.56 -40.42 -8.05
N GLY A 447 -11.55 -41.23 -7.71
CA GLY A 447 -12.49 -41.78 -8.69
C GLY A 447 -11.85 -42.96 -9.39
N VAL A 448 -10.83 -43.57 -8.72
CA VAL A 448 -10.08 -44.74 -9.20
C VAL A 448 -9.66 -45.62 -8.00
N ARG A 449 -9.64 -46.95 -8.18
CA ARG A 449 -9.30 -47.90 -7.12
C ARG A 449 -7.83 -47.87 -6.73
N ALA A 450 -7.58 -47.82 -5.41
CA ALA A 450 -6.25 -47.85 -4.81
C ALA A 450 -6.18 -48.91 -3.72
N LYS A 451 -5.06 -49.64 -3.67
CA LYS A 451 -4.74 -50.62 -2.65
C LYS A 451 -4.20 -49.82 -1.44
N VAL A 452 -4.73 -50.09 -0.23
CA VAL A 452 -4.25 -49.38 0.95
C VAL A 452 -3.61 -50.38 1.95
N GLU A 453 -2.38 -50.05 2.35
CA GLU A 453 -1.54 -50.79 3.26
C GLU A 453 -1.14 -49.84 4.41
N LEU A 454 -1.15 -50.35 5.64
CA LEU A 454 -0.71 -49.54 6.78
C LEU A 454 0.75 -49.83 7.06
N VAL A 455 1.46 -48.81 7.56
CA VAL A 455 2.87 -48.87 7.98
C VAL A 455 2.89 -48.32 9.41
N ALA A 456 3.82 -48.80 10.23
CA ALA A 456 3.97 -48.40 11.63
C ALA A 456 4.13 -46.88 11.85
N PRO A 457 3.57 -46.31 12.94
CA PRO A 457 3.77 -44.86 13.21
C PRO A 457 5.26 -44.49 13.33
N ASN A 458 5.65 -43.37 12.70
CA ASN A 458 7.03 -42.82 12.66
C ASN A 458 8.00 -43.71 11.82
N SER A 459 7.44 -44.43 10.82
CA SER A 459 8.27 -45.27 9.95
C SER A 459 8.77 -44.47 8.73
N ILE A 460 7.90 -43.65 8.13
CA ILE A 460 8.18 -42.82 6.94
C ILE A 460 9.02 -41.59 7.31
N ALA A 461 9.97 -41.21 6.42
CA ALA A 461 10.80 -40.03 6.66
C ALA A 461 9.94 -38.75 6.72
N ARG A 462 10.26 -37.85 7.66
CA ARG A 462 9.58 -36.57 7.83
C ARG A 462 10.53 -35.48 7.37
N THR A 463 10.09 -34.66 6.40
CA THR A 463 10.92 -33.56 5.91
C THR A 463 10.29 -32.20 6.25
N ASP A 464 11.14 -31.20 6.55
CA ASP A 464 10.74 -29.82 6.86
C ASP A 464 10.43 -29.09 5.55
N PHE A 465 11.03 -29.59 4.43
CA PHE A 465 10.89 -29.12 3.05
C PHE A 465 9.58 -29.68 2.45
N LYS A 466 9.32 -29.44 1.15
CA LYS A 466 8.10 -29.96 0.51
C LYS A 466 8.23 -31.47 0.30
N ALA A 467 7.22 -32.23 0.78
CA ALA A 467 7.21 -33.69 0.68
C ALA A 467 7.02 -34.20 -0.75
N ARG A 468 7.83 -35.21 -1.15
CA ARG A 468 7.79 -35.88 -2.46
C ARG A 468 7.43 -37.34 -2.17
N ARG A 469 6.12 -37.55 -2.02
CA ARG A 469 5.48 -38.78 -1.62
C ARG A 469 5.30 -39.83 -2.73
N VAL A 470 5.56 -39.48 -4.01
CA VAL A 470 5.38 -40.44 -5.14
C VAL A 470 6.66 -41.22 -5.43
N ILE A 471 6.50 -42.55 -5.58
CA ILE A 471 7.55 -43.53 -5.92
C ILE A 471 7.13 -44.35 -7.16
N ASP A 472 8.02 -44.42 -8.18
CA ASP A 472 7.91 -45.18 -9.45
C ASP A 472 6.75 -44.73 -10.38
N ASP A 473 6.40 -45.57 -11.39
CA ASP A 473 5.32 -45.39 -12.39
C ASP A 473 5.04 -46.71 -13.11
N HIS B 9 -5.62 37.52 -11.41
CA HIS B 9 -4.94 38.76 -11.77
C HIS B 9 -3.49 38.83 -11.25
N SER B 10 -3.19 38.06 -10.19
CA SER B 10 -1.85 37.93 -9.58
C SER B 10 -0.83 37.25 -10.52
N GLY B 11 -1.32 36.40 -11.43
CA GLY B 11 -0.52 35.65 -12.40
C GLY B 11 -0.27 34.23 -11.93
N MET B 12 -0.64 33.94 -10.67
CA MET B 12 -0.46 32.66 -9.97
C MET B 12 -1.20 31.55 -10.68
N GLU B 13 -0.49 30.47 -10.98
CA GLU B 13 -1.11 29.44 -11.80
C GLU B 13 -2.04 28.55 -11.02
N GLU B 14 -3.23 28.34 -11.65
CA GLU B 14 -4.33 27.51 -11.18
C GLU B 14 -4.74 27.89 -9.73
N TRP B 15 -4.66 29.21 -9.44
CA TRP B 15 -4.90 29.86 -8.14
C TRP B 15 -6.39 30.12 -8.01
N ASN B 16 -7.04 29.24 -7.28
CA ASN B 16 -8.49 29.14 -7.13
C ASN B 16 -8.82 28.35 -5.83
N PHE B 17 -9.91 28.73 -5.15
CA PHE B 17 -10.43 28.02 -3.96
C PHE B 17 -11.93 27.75 -4.15
N PRO B 18 -12.39 26.48 -4.05
CA PRO B 18 -11.57 25.26 -3.86
C PRO B 18 -10.69 25.04 -5.09
N VAL B 19 -9.47 24.52 -4.87
CA VAL B 19 -8.49 24.26 -5.92
C VAL B 19 -8.90 23.07 -6.79
N GLU B 20 -8.55 23.11 -8.07
CA GLU B 20 -8.83 22.02 -9.00
C GLU B 20 -7.75 22.02 -10.08
N TYR B 21 -6.63 21.36 -9.75
CA TYR B 21 -5.47 21.24 -10.63
C TYR B 21 -5.73 20.43 -11.87
N ASP B 22 -5.10 20.88 -12.97
CA ASP B 22 -5.08 20.21 -14.27
C ASP B 22 -4.18 18.97 -14.02
N GLU B 23 -4.74 17.77 -14.20
CA GLU B 23 -4.07 16.49 -13.97
C GLU B 23 -3.11 16.09 -15.08
N ASN B 24 -3.21 16.74 -16.25
CA ASN B 24 -2.39 16.47 -17.44
C ASN B 24 -1.14 17.34 -17.56
N TYR B 25 -1.09 18.48 -16.84
CA TYR B 25 0.06 19.39 -16.89
C TYR B 25 1.36 18.76 -16.38
N LEU B 26 2.42 18.95 -17.18
CA LEU B 26 3.80 18.61 -16.92
C LEU B 26 4.64 19.83 -17.36
N PRO B 27 5.59 20.32 -16.54
CA PRO B 27 6.36 21.50 -16.98
C PRO B 27 7.29 21.15 -18.14
N PRO B 28 7.80 22.12 -18.96
CA PRO B 28 8.82 21.73 -19.98
C PRO B 28 9.95 20.99 -19.27
N ALA B 29 10.54 19.96 -19.91
CA ALA B 29 11.57 19.08 -19.32
C ALA B 29 12.73 19.78 -18.59
N ASP B 30 13.16 20.92 -19.11
CA ASP B 30 14.30 21.70 -18.64
C ASP B 30 13.93 22.91 -17.78
N SER B 31 12.66 23.03 -17.40
CA SER B 31 12.19 24.11 -16.51
C SER B 31 12.45 23.75 -15.02
N ARG B 32 13.15 24.63 -14.28
CA ARG B 32 13.46 24.41 -12.86
C ARG B 32 12.20 24.45 -11.96
N TYR B 33 11.28 25.37 -12.25
CA TYR B 33 10.09 25.54 -11.43
C TYR B 33 8.87 24.93 -12.07
N TRP B 34 8.12 24.15 -11.28
CA TRP B 34 6.88 23.49 -11.71
C TRP B 34 5.88 24.63 -11.97
N PHE B 35 5.81 25.58 -11.03
CA PHE B 35 4.97 26.77 -11.14
C PHE B 35 5.87 27.99 -11.02
N PRO B 36 6.42 28.52 -12.14
CA PRO B 36 7.34 29.67 -12.03
C PRO B 36 6.77 30.92 -11.40
N ARG B 37 5.52 31.30 -11.71
CA ARG B 37 4.97 32.52 -11.11
C ARG B 37 4.83 32.41 -9.60
N ARG B 38 4.08 31.39 -9.12
CA ARG B 38 3.87 31.14 -7.69
C ARG B 38 5.16 31.02 -6.90
N GLU B 39 6.21 30.42 -7.50
CA GLU B 39 7.51 30.16 -6.86
C GLU B 39 8.53 31.33 -6.92
N THR B 40 8.49 32.19 -7.97
CA THR B 40 9.50 33.24 -8.13
C THR B 40 8.93 34.69 -8.14
N MET B 41 7.61 34.86 -7.98
CA MET B 41 6.97 36.18 -7.93
C MET B 41 7.47 36.99 -6.70
N PRO B 42 7.42 38.35 -6.68
CA PRO B 42 7.84 39.06 -5.45
C PRO B 42 6.97 38.67 -4.25
N ALA B 43 7.63 38.36 -3.11
CA ALA B 43 6.98 37.95 -1.86
C ALA B 43 5.80 38.84 -1.46
N ALA B 44 5.93 40.18 -1.60
CA ALA B 44 4.89 41.17 -1.25
C ALA B 44 3.61 40.94 -2.06
N GLU B 45 3.76 40.62 -3.35
CA GLU B 45 2.63 40.32 -4.25
C GLU B 45 1.96 38.99 -3.86
N ARG B 46 2.75 37.96 -3.46
CA ARG B 46 2.26 36.64 -3.01
C ARG B 46 1.49 36.79 -1.71
N ASP B 47 2.04 37.57 -0.74
CA ASP B 47 1.41 37.86 0.56
C ASP B 47 -0.01 38.44 0.38
N LYS B 48 -0.18 39.35 -0.62
CA LYS B 48 -1.44 39.99 -0.98
C LYS B 48 -2.45 38.92 -1.39
N ALA B 49 -2.05 38.03 -2.30
CA ALA B 49 -2.88 36.92 -2.74
C ALA B 49 -3.18 35.92 -1.60
N ILE B 50 -2.21 35.72 -0.65
CA ILE B 50 -2.39 34.83 0.51
C ILE B 50 -3.44 35.44 1.44
N LEU B 51 -3.36 36.76 1.69
CA LEU B 51 -4.34 37.48 2.52
C LEU B 51 -5.77 37.25 1.96
N GLY B 52 -5.93 37.44 0.63
CA GLY B 52 -7.20 37.22 -0.06
C GLY B 52 -7.69 35.79 0.09
N ARG B 53 -6.75 34.83 0.13
CA ARG B 53 -7.03 33.40 0.27
C ARG B 53 -7.46 33.07 1.71
N LEU B 54 -6.72 33.58 2.73
CA LEU B 54 -7.04 33.42 4.17
C LEU B 54 -8.46 33.91 4.43
N GLN B 55 -8.90 34.95 3.70
CA GLN B 55 -10.25 35.51 3.80
C GLN B 55 -11.31 34.51 3.31
N GLN B 56 -11.05 33.85 2.17
CA GLN B 56 -11.95 32.83 1.60
C GLN B 56 -11.98 31.60 2.48
N VAL B 57 -10.81 31.18 3.00
CA VAL B 57 -10.66 29.99 3.84
C VAL B 57 -11.40 30.15 5.18
N CYS B 58 -11.20 31.29 5.85
CA CYS B 58 -11.86 31.62 7.11
C CYS B 58 -13.38 31.73 6.97
N GLN B 59 -13.87 32.20 5.80
CA GLN B 59 -15.31 32.31 5.52
C GLN B 59 -15.86 30.91 5.30
N TYR B 60 -15.15 30.08 4.55
CA TYR B 60 -15.50 28.69 4.30
C TYR B 60 -15.61 27.91 5.67
N ALA B 61 -14.60 28.09 6.54
CA ALA B 61 -14.58 27.53 7.90
C ALA B 61 -15.78 28.00 8.73
N TRP B 62 -16.08 29.31 8.70
CA TRP B 62 -17.20 29.93 9.41
C TRP B 62 -18.53 29.24 9.08
N GLU B 63 -18.74 28.93 7.78
CA GLU B 63 -19.95 28.31 7.25
C GLU B 63 -20.05 26.80 7.40
N HIS B 64 -18.92 26.09 7.33
CA HIS B 64 -18.86 24.64 7.31
C HIS B 64 -18.36 23.98 8.60
N ALA B 65 -17.67 24.73 9.47
CA ALA B 65 -17.07 24.16 10.68
C ALA B 65 -17.51 24.83 12.00
N PRO B 66 -18.54 24.30 12.72
CA PRO B 66 -18.93 24.93 14.01
C PRO B 66 -17.76 25.01 15.00
N PHE B 67 -16.77 24.12 14.86
CA PHE B 67 -15.52 24.12 15.64
C PHE B 67 -14.84 25.50 15.56
N TYR B 68 -14.64 26.03 14.33
CA TYR B 68 -14.03 27.34 14.11
C TYR B 68 -14.94 28.47 14.52
N ARG B 69 -16.24 28.40 14.18
CA ARG B 69 -17.18 29.43 14.59
C ARG B 69 -17.23 29.58 16.13
N ARG B 70 -17.21 28.45 16.86
CA ARG B 70 -17.22 28.40 18.34
C ARG B 70 -15.91 28.94 18.91
N LYS B 71 -14.78 28.47 18.39
CA LYS B 71 -13.44 28.87 18.83
C LYS B 71 -13.16 30.35 18.52
N TRP B 72 -13.68 30.86 17.40
CA TRP B 72 -13.47 32.24 17.01
C TRP B 72 -14.36 33.18 17.79
N GLU B 73 -15.58 32.77 18.11
CA GLU B 73 -16.50 33.57 18.91
C GLU B 73 -15.97 33.75 20.35
N GLU B 74 -15.36 32.70 20.93
CA GLU B 74 -14.76 32.74 22.27
C GLU B 74 -13.62 33.78 22.34
N ALA B 75 -12.77 33.84 21.29
CA ALA B 75 -11.65 34.77 21.18
C ALA B 75 -12.07 36.14 20.63
N GLY B 76 -13.36 36.30 20.29
CA GLY B 76 -13.92 37.54 19.79
C GLY B 76 -13.62 37.88 18.34
N PHE B 77 -13.37 36.86 17.50
CA PHE B 77 -13.08 37.04 16.08
C PHE B 77 -14.23 36.62 15.17
N GLN B 78 -14.34 37.30 14.02
CA GLN B 78 -15.27 37.03 12.95
C GLN B 78 -14.57 37.33 11.59
N PRO B 79 -14.87 36.59 10.50
CA PRO B 79 -14.15 36.83 9.23
C PRO B 79 -14.06 38.29 8.72
N SER B 80 -15.07 39.16 8.99
CA SER B 80 -15.07 40.56 8.56
C SER B 80 -13.89 41.40 9.11
N GLN B 81 -13.32 40.98 10.26
CA GLN B 81 -12.20 41.62 10.96
C GLN B 81 -10.84 41.30 10.31
N LEU B 82 -10.75 40.26 9.45
CA LEU B 82 -9.50 39.85 8.78
C LEU B 82 -9.22 40.76 7.59
N LYS B 83 -8.42 41.82 7.83
CA LYS B 83 -8.13 42.82 6.80
C LYS B 83 -6.65 42.94 6.41
N SER B 84 -5.76 42.34 7.23
CA SER B 84 -4.31 42.33 7.02
C SER B 84 -3.73 41.02 7.57
N LEU B 85 -2.44 40.74 7.26
CA LEU B 85 -1.74 39.59 7.81
C LEU B 85 -1.52 39.78 9.32
N GLU B 86 -1.51 41.05 9.77
CA GLU B 86 -1.39 41.50 11.17
C GLU B 86 -2.67 41.17 11.97
N ASP B 87 -3.84 41.27 11.31
CA ASP B 87 -5.14 40.92 11.88
C ASP B 87 -5.23 39.41 12.04
N PHE B 88 -4.62 38.66 11.11
CA PHE B 88 -4.63 37.19 11.16
C PHE B 88 -3.86 36.67 12.39
N GLU B 89 -2.63 37.19 12.61
CA GLU B 89 -1.80 36.75 13.74
C GLU B 89 -2.30 37.21 15.11
N ALA B 90 -2.89 38.42 15.19
CA ALA B 90 -3.38 39.02 16.44
C ALA B 90 -4.81 38.66 16.85
N ARG B 91 -5.72 38.43 15.86
CA ARG B 91 -7.13 38.13 16.14
C ARG B 91 -7.52 36.65 16.06
N VAL B 92 -6.97 35.89 15.10
CA VAL B 92 -7.30 34.47 14.95
C VAL B 92 -6.55 33.66 16.02
N PRO B 93 -7.26 32.95 16.95
CA PRO B 93 -6.55 32.17 17.97
C PRO B 93 -5.94 30.90 17.35
N VAL B 94 -4.79 30.44 17.90
CA VAL B 94 -4.18 29.20 17.41
C VAL B 94 -5.00 27.97 17.85
N VAL B 95 -4.91 26.89 17.05
CA VAL B 95 -5.54 25.58 17.31
C VAL B 95 -4.44 24.68 17.87
N LYS B 96 -4.79 23.83 18.86
CA LYS B 96 -3.87 22.85 19.47
C LYS B 96 -4.39 21.44 19.18
N LYS B 97 -3.51 20.43 19.20
CA LYS B 97 -3.91 19.02 18.96
C LYS B 97 -4.95 18.56 19.96
N THR B 98 -4.92 19.11 21.17
CA THR B 98 -5.85 18.80 22.26
C THR B 98 -7.28 19.29 21.92
N ASP B 99 -7.40 20.41 21.19
CA ASP B 99 -8.67 20.98 20.72
C ASP B 99 -9.33 20.03 19.72
N LEU B 100 -8.52 19.42 18.82
CA LEU B 100 -8.96 18.47 17.80
C LEU B 100 -9.52 17.21 18.45
N ARG B 101 -8.78 16.67 19.45
CA ARG B 101 -9.20 15.47 20.21
C ARG B 101 -10.54 15.69 20.91
N GLU B 102 -10.76 16.88 21.50
CA GLU B 102 -12.04 17.23 22.15
C GLU B 102 -13.17 17.32 21.11
N SER B 103 -12.91 17.96 19.96
CA SER B 103 -13.87 18.13 18.87
C SER B 103 -14.32 16.74 18.33
N GLN B 104 -13.38 15.78 18.17
CA GLN B 104 -13.69 14.42 17.69
C GLN B 104 -14.47 13.59 18.71
N ALA B 105 -14.29 13.81 20.02
CA ALA B 105 -15.04 13.13 21.09
C ALA B 105 -16.45 13.72 21.15
N ALA B 106 -16.57 15.06 20.95
CA ALA B 106 -17.86 15.77 20.96
C ALA B 106 -18.67 15.47 19.68
N HIS B 107 -17.99 15.35 18.51
CA HIS B 107 -18.61 15.10 17.21
C HIS B 107 -17.88 13.99 16.45
N PRO B 108 -18.13 12.72 16.82
CA PRO B 108 -17.39 11.60 16.20
C PRO B 108 -17.86 11.19 14.80
N PRO B 109 -16.95 10.65 13.96
CA PRO B 109 -15.53 10.34 14.27
C PRO B 109 -14.47 11.37 13.90
N PHE B 110 -14.82 12.37 13.05
CA PHE B 110 -13.83 13.31 12.50
C PHE B 110 -13.86 14.74 13.05
N GLY B 111 -14.76 15.01 14.01
CA GLY B 111 -14.92 16.35 14.60
C GLY B 111 -15.82 17.26 13.79
N ASP B 112 -16.17 18.41 14.40
CA ASP B 112 -16.99 19.42 13.75
C ASP B 112 -16.14 20.47 13.05
N TYR B 113 -14.93 20.04 12.61
CA TYR B 113 -14.01 20.78 11.73
C TYR B 113 -13.83 20.03 10.39
N VAL B 114 -14.55 18.88 10.20
CA VAL B 114 -14.50 18.02 8.98
C VAL B 114 -14.87 18.82 7.70
N CYS B 115 -15.88 19.73 7.79
CA CYS B 115 -16.39 20.64 6.76
C CYS B 115 -17.14 19.96 5.64
N VAL B 116 -16.51 18.95 5.00
CA VAL B 116 -17.08 18.24 3.86
C VAL B 116 -18.12 17.22 4.28
N PRO B 117 -19.12 16.87 3.41
CA PRO B 117 -20.07 15.82 3.82
C PRO B 117 -19.39 14.45 3.75
N ASN B 118 -20.03 13.42 4.32
CA ASN B 118 -19.50 12.07 4.41
C ASN B 118 -19.21 11.43 3.05
N SER B 119 -20.05 11.70 2.04
CA SER B 119 -19.88 11.18 0.69
C SER B 119 -18.55 11.59 0.02
N GLU B 120 -17.95 12.71 0.46
CA GLU B 120 -16.71 13.26 -0.08
C GLU B 120 -15.45 12.59 0.53
N ILE B 121 -15.59 11.82 1.63
CA ILE B 121 -14.42 11.20 2.29
C ILE B 121 -13.84 10.06 1.43
N PHE B 122 -12.58 10.25 1.02
CA PHE B 122 -11.84 9.35 0.13
C PHE B 122 -11.03 8.31 0.93
N HIS B 123 -10.15 8.76 1.84
CA HIS B 123 -9.29 7.89 2.66
C HIS B 123 -9.47 8.19 4.15
N VAL B 124 -9.30 7.15 4.98
CA VAL B 124 -9.28 7.27 6.44
C VAL B 124 -7.87 6.93 6.88
N HIS B 125 -7.22 7.89 7.56
CA HIS B 125 -5.88 7.83 8.10
C HIS B 125 -5.91 8.29 9.57
N GLY B 126 -4.74 8.49 10.18
CA GLY B 126 -4.70 8.90 11.58
C GLY B 126 -3.33 8.96 12.22
N THR B 127 -3.33 9.22 13.53
CA THR B 127 -2.15 9.34 14.38
C THR B 127 -2.01 8.13 15.32
N SER B 128 -0.82 7.95 15.91
CA SER B 128 -0.54 6.87 16.86
C SER B 128 -1.41 6.99 18.13
N GLY B 132 -2.19 8.65 23.82
CA GLY B 132 -3.47 8.70 24.50
C GLY B 132 -4.64 8.33 23.62
N ARG B 133 -5.25 9.33 22.97
CA ARG B 133 -6.38 9.12 22.06
C ARG B 133 -5.96 9.46 20.62
N PRO B 134 -6.07 8.51 19.68
CA PRO B 134 -5.65 8.82 18.29
C PRO B 134 -6.62 9.75 17.58
N THR B 135 -6.07 10.66 16.75
CA THR B 135 -6.82 11.60 15.92
C THR B 135 -7.18 10.84 14.61
N ALA B 136 -8.42 10.97 14.13
CA ALA B 136 -8.84 10.33 12.89
C ALA B 136 -8.76 11.33 11.73
N PHE B 137 -8.15 10.94 10.60
CA PHE B 137 -8.12 11.80 9.41
C PHE B 137 -9.09 11.30 8.37
N GLY B 138 -10.03 12.16 7.98
CA GLY B 138 -11.01 11.89 6.94
C GLY B 138 -10.69 12.83 5.80
N ILE B 139 -9.89 12.35 4.84
CA ILE B 139 -9.39 13.15 3.72
C ILE B 139 -10.34 13.00 2.53
N GLY B 140 -10.87 14.14 2.10
CA GLY B 140 -11.76 14.19 0.94
C GLY B 140 -11.01 13.95 -0.36
N ARG B 141 -11.75 13.52 -1.39
CA ARG B 141 -11.30 13.24 -2.74
C ARG B 141 -10.54 14.41 -3.32
N ALA B 142 -11.13 15.62 -3.25
CA ALA B 142 -10.55 16.86 -3.77
C ALA B 142 -9.21 17.18 -3.11
N ASP B 143 -9.11 17.01 -1.77
CA ASP B 143 -7.88 17.24 -0.99
C ASP B 143 -6.79 16.25 -1.33
N TRP B 144 -7.15 14.97 -1.61
CA TRP B 144 -6.17 13.97 -2.05
C TRP B 144 -5.44 14.44 -3.34
N ARG B 145 -6.18 14.98 -4.31
CA ARG B 145 -5.65 15.53 -5.56
C ARG B 145 -4.78 16.79 -5.31
N ALA B 146 -5.22 17.70 -4.43
CA ALA B 146 -4.44 18.90 -4.08
C ALA B 146 -3.11 18.55 -3.38
N ILE B 147 -3.09 17.46 -2.56
CA ILE B 147 -1.88 16.96 -1.87
C ILE B 147 -0.93 16.35 -2.91
N ALA B 148 -1.48 15.49 -3.81
CA ALA B 148 -0.74 14.82 -4.88
C ALA B 148 -0.05 15.84 -5.79
N ASN B 149 -0.81 16.89 -6.15
CA ASN B 149 -0.34 17.97 -6.99
C ASN B 149 0.76 18.83 -6.33
N ALA B 150 0.59 19.16 -5.04
CA ALA B 150 1.57 19.96 -4.28
C ALA B 150 2.90 19.22 -4.13
N HIS B 151 2.83 17.91 -3.83
CA HIS B 151 4.00 17.06 -3.63
C HIS B 151 4.74 16.77 -4.89
N ALA B 152 4.05 16.61 -6.05
CA ALA B 152 4.70 16.37 -7.34
C ALA B 152 5.52 17.62 -7.72
N ARG B 153 4.95 18.81 -7.46
CA ARG B 153 5.56 20.13 -7.69
C ARG B 153 6.83 20.31 -6.86
N ILE B 154 6.78 19.93 -5.57
CA ILE B 154 7.88 20.06 -4.62
C ILE B 154 8.95 19.03 -4.89
N MET B 155 8.57 17.79 -5.26
CA MET B 155 9.53 16.74 -5.64
C MET B 155 10.26 17.17 -6.93
N TRP B 156 9.55 17.82 -7.88
CA TRP B 156 10.14 18.37 -9.11
C TRP B 156 11.24 19.39 -8.72
N GLY B 157 10.98 20.20 -7.69
CA GLY B 157 11.92 21.18 -7.16
C GLY B 157 13.18 20.57 -6.57
N MET B 158 13.13 19.25 -6.20
CA MET B 158 14.24 18.42 -5.68
C MET B 158 15.00 17.73 -6.82
N GLY B 159 14.56 17.96 -8.07
CA GLY B 159 15.19 17.37 -9.25
C GLY B 159 14.62 16.04 -9.71
N ILE B 160 13.57 15.54 -9.05
CA ILE B 160 12.88 14.28 -9.39
C ILE B 160 11.99 14.52 -10.61
N ARG B 161 12.05 13.61 -11.59
CA ARG B 161 11.38 13.79 -12.88
C ARG B 161 10.43 12.67 -13.30
N PRO B 162 9.52 12.94 -14.28
CA PRO B 162 8.69 11.84 -14.83
C PRO B 162 9.61 10.72 -15.32
N GLY B 163 9.23 9.48 -15.03
CA GLY B 163 10.02 8.33 -15.47
C GLY B 163 11.01 7.81 -14.44
N ASP B 164 11.42 8.65 -13.45
CA ASP B 164 12.36 8.21 -12.42
C ASP B 164 11.72 7.16 -11.53
N LEU B 165 12.50 6.17 -11.10
CA LEU B 165 12.00 5.19 -10.18
C LEU B 165 12.15 5.78 -8.77
N VAL B 166 11.01 5.95 -8.09
CA VAL B 166 10.95 6.49 -6.74
C VAL B 166 10.54 5.39 -5.75
N CYS B 167 11.47 5.01 -4.85
CA CYS B 167 11.21 4.02 -3.81
C CYS B 167 10.64 4.73 -2.58
N VAL B 168 9.39 4.38 -2.22
CA VAL B 168 8.75 4.94 -1.02
C VAL B 168 8.88 3.83 0.04
N ALA B 169 9.86 4.00 0.95
CA ALA B 169 10.20 3.04 1.97
C ALA B 169 9.87 3.49 3.43
N ALA B 170 8.57 3.77 3.64
CA ALA B 170 7.98 4.12 4.93
C ALA B 170 6.69 3.30 5.07
N VAL B 171 6.28 2.95 6.30
CA VAL B 171 5.09 2.11 6.52
C VAL B 171 3.82 2.65 5.77
N PHE B 172 3.08 1.78 5.05
CA PHE B 172 1.81 2.18 4.40
C PHE B 172 0.68 1.69 5.32
N SER B 173 0.14 2.60 6.12
CA SER B 173 -0.90 2.34 7.13
C SER B 173 -1.63 3.64 7.46
N LEU B 174 -1.85 3.91 8.76
CA LEU B 174 -2.53 5.09 9.27
C LEU B 174 -1.83 6.39 8.93
N TYR B 175 -0.50 6.40 9.03
CA TYR B 175 0.35 7.59 8.93
C TYR B 175 0.43 8.16 7.52
N MET B 176 0.34 9.50 7.43
CA MET B 176 0.28 10.27 6.18
C MET B 176 1.56 10.35 5.36
N GLY B 177 2.71 10.08 5.99
CA GLY B 177 4.03 10.13 5.37
C GLY B 177 4.15 9.44 4.02
N SER B 178 4.16 8.11 4.03
CA SER B 178 4.34 7.26 2.86
C SER B 178 3.33 7.56 1.74
N TRP B 179 2.04 7.71 2.11
CA TRP B 179 0.95 8.00 1.18
C TRP B 179 1.13 9.36 0.48
N GLY B 180 1.67 10.35 1.19
CA GLY B 180 1.95 11.68 0.63
C GLY B 180 3.07 11.63 -0.40
N ALA B 181 4.13 10.87 -0.12
CA ALA B 181 5.27 10.70 -1.04
C ALA B 181 4.82 9.90 -2.29
N LEU B 182 3.95 8.88 -2.10
CA LEU B 182 3.39 8.07 -3.18
C LEU B 182 2.47 8.89 -4.09
N ALA B 183 1.56 9.68 -3.48
CA ALA B 183 0.62 10.55 -4.22
C ALA B 183 1.40 11.50 -5.10
N GLY B 184 2.49 12.07 -4.56
CA GLY B 184 3.38 12.96 -5.29
C GLY B 184 4.08 12.27 -6.45
N ALA B 185 4.64 11.09 -6.21
CA ALA B 185 5.39 10.31 -7.21
C ALA B 185 4.46 9.88 -8.38
N GLU B 186 3.19 9.57 -8.06
CA GLU B 186 2.17 9.23 -9.07
C GLU B 186 1.79 10.45 -9.93
N ARG B 187 1.55 11.62 -9.30
CA ARG B 187 1.20 12.85 -10.05
C ARG B 187 2.39 13.35 -10.90
N LEU B 188 3.63 13.14 -10.40
CA LEU B 188 4.87 13.48 -11.10
C LEU B 188 5.12 12.58 -12.34
N ARG B 189 4.36 11.48 -12.51
CA ARG B 189 4.49 10.49 -13.60
C ARG B 189 5.86 9.78 -13.46
N ALA B 190 6.28 9.57 -12.20
CA ALA B 190 7.47 8.83 -11.86
C ALA B 190 7.05 7.35 -11.76
N LYS B 191 8.00 6.41 -11.75
CA LYS B 191 7.66 5.00 -11.59
C LYS B 191 7.57 4.81 -10.09
N ALA B 192 6.36 4.86 -9.54
CA ALA B 192 6.18 4.71 -8.09
C ALA B 192 6.48 3.26 -7.61
N PHE B 193 7.42 3.10 -6.66
CA PHE B 193 7.82 1.82 -6.08
C PHE B 193 7.49 1.81 -4.57
N PRO B 194 6.21 1.54 -4.21
CA PRO B 194 5.80 1.60 -2.80
C PRO B 194 6.11 0.34 -2.00
N PHE B 195 7.40 0.09 -1.71
CA PHE B 195 7.87 -1.08 -0.97
C PHE B 195 7.47 -1.01 0.50
N GLY B 196 7.38 0.20 1.05
CA GLY B 196 7.05 0.36 2.46
C GLY B 196 8.15 -0.03 3.41
N ALA B 197 7.78 -0.18 4.70
CA ALA B 197 8.68 -0.50 5.81
C ALA B 197 7.91 -1.07 7.03
N GLY B 198 8.64 -1.48 8.07
CA GLY B 198 8.10 -1.95 9.35
C GLY B 198 8.00 -3.43 9.65
N ALA B 199 7.88 -4.31 8.64
CA ALA B 199 7.78 -5.75 8.88
C ALA B 199 9.16 -6.43 8.91
N PRO B 200 9.41 -7.39 9.86
CA PRO B 200 10.72 -8.09 9.87
C PRO B 200 11.03 -8.74 8.53
N GLY B 201 12.30 -8.74 8.14
CA GLY B 201 12.75 -9.29 6.87
C GLY B 201 12.68 -8.32 5.69
N MET B 202 11.98 -7.15 5.84
CA MET B 202 11.80 -6.16 4.76
C MET B 202 13.10 -5.49 4.25
N SER B 203 13.98 -5.05 5.18
CA SER B 203 15.24 -4.39 4.84
C SER B 203 16.16 -5.26 3.97
N ALA B 204 16.36 -6.55 4.31
CA ALA B 204 17.23 -7.44 3.52
C ALA B 204 16.65 -7.70 2.13
N ARG B 205 15.30 -7.74 1.98
CA ARG B 205 14.72 -7.95 0.65
C ARG B 205 14.73 -6.67 -0.17
N LEU B 206 14.62 -5.49 0.51
CA LEU B 206 14.65 -4.17 -0.13
C LEU B 206 16.01 -3.87 -0.78
N VAL B 207 17.11 -4.25 -0.13
CA VAL B 207 18.47 -4.02 -0.65
C VAL B 207 18.70 -4.78 -1.97
N GLN B 208 18.08 -5.96 -2.14
CA GLN B 208 18.18 -6.71 -3.40
C GLN B 208 17.36 -5.99 -4.48
N TRP B 209 16.15 -5.53 -4.13
CA TRP B 209 15.30 -4.78 -5.04
C TRP B 209 15.96 -3.48 -5.52
N LEU B 210 16.61 -2.74 -4.60
CA LEU B 210 17.29 -1.50 -4.93
C LEU B 210 18.57 -1.71 -5.72
N ASP B 211 19.29 -2.82 -5.47
CA ASP B 211 20.49 -3.15 -6.24
C ASP B 211 20.10 -3.55 -7.68
N THR B 212 18.94 -4.20 -7.84
CA THR B 212 18.43 -4.61 -9.14
C THR B 212 17.78 -3.45 -9.92
N MET B 213 16.79 -2.76 -9.32
CA MET B 213 15.99 -1.71 -9.94
C MET B 213 16.72 -0.39 -10.17
N LYS B 214 17.72 -0.05 -9.31
CA LYS B 214 18.52 1.20 -9.39
C LYS B 214 17.62 2.46 -9.27
N PRO B 215 17.04 2.75 -8.08
CA PRO B 215 16.14 3.90 -7.96
C PRO B 215 16.83 5.25 -8.05
N ALA B 216 16.12 6.25 -8.59
CA ALA B 216 16.67 7.61 -8.73
C ALA B 216 16.41 8.38 -7.44
N ALA B 217 15.27 8.12 -6.77
CA ALA B 217 14.91 8.79 -5.53
C ALA B 217 14.42 7.80 -4.50
N PHE B 218 14.62 8.14 -3.22
CA PHE B 218 14.24 7.35 -2.07
C PHE B 218 13.55 8.22 -1.01
N TYR B 219 12.42 7.72 -0.48
CA TYR B 219 11.69 8.39 0.61
C TYR B 219 11.59 7.54 1.87
N GLY B 220 11.77 8.18 3.04
CA GLY B 220 11.57 7.55 4.34
C GLY B 220 11.93 8.49 5.45
N THR B 221 12.51 7.95 6.54
CA THR B 221 13.02 8.71 7.66
C THR B 221 14.56 8.66 7.59
N PRO B 222 15.28 9.67 8.15
CA PRO B 222 16.75 9.62 8.16
C PRO B 222 17.29 8.38 8.92
N SER B 223 16.63 7.99 10.02
CA SER B 223 17.05 6.83 10.84
C SER B 223 16.88 5.51 10.07
N TYR B 224 15.76 5.37 9.32
CA TYR B 224 15.54 4.16 8.54
C TYR B 224 16.55 4.06 7.42
N ALA B 225 16.88 5.20 6.77
CA ALA B 225 17.91 5.24 5.72
C ALA B 225 19.28 4.84 6.26
N ILE B 226 19.57 5.14 7.55
CA ILE B 226 20.84 4.74 8.19
C ILE B 226 20.79 3.23 8.41
N HIS B 227 19.66 2.72 8.96
CA HIS B 227 19.42 1.30 9.21
C HIS B 227 19.54 0.47 7.92
N LEU B 228 19.00 1.00 6.78
CA LEU B 228 19.02 0.36 5.47
C LEU B 228 20.43 0.21 4.92
N ALA B 229 21.28 1.21 5.19
CA ALA B 229 22.69 1.23 4.78
C ALA B 229 23.50 0.14 5.49
N GLU B 230 23.23 -0.07 6.79
CA GLU B 230 23.87 -1.10 7.62
C GLU B 230 23.43 -2.51 7.17
N VAL B 231 22.13 -2.69 6.89
CA VAL B 231 21.53 -3.95 6.39
C VAL B 231 22.13 -4.30 5.01
N ALA B 232 22.32 -3.29 4.12
CA ALA B 232 22.96 -3.49 2.81
C ALA B 232 24.38 -4.06 2.96
N ARG B 233 25.16 -3.54 3.94
CA ARG B 233 26.53 -3.96 4.25
C ARG B 233 26.56 -5.39 4.74
N GLU B 234 25.65 -5.74 5.68
CA GLU B 234 25.50 -7.12 6.21
C GLU B 234 25.19 -8.09 5.04
N GLU B 235 24.43 -7.62 4.03
CA GLU B 235 24.03 -8.37 2.83
C GLU B 235 25.13 -8.40 1.75
N LYS B 236 26.31 -7.81 2.07
CA LYS B 236 27.51 -7.71 1.23
C LYS B 236 27.25 -6.90 -0.05
N LEU B 237 26.40 -5.88 0.06
CA LEU B 237 26.05 -4.94 -1.01
C LEU B 237 26.53 -3.57 -0.58
N ASN B 238 26.72 -2.67 -1.54
CA ASN B 238 27.17 -1.31 -1.25
C ASN B 238 25.97 -0.35 -1.43
N PRO B 239 25.58 0.45 -0.41
CA PRO B 239 24.45 1.38 -0.59
C PRO B 239 24.64 2.36 -1.76
N ARG B 240 25.91 2.67 -2.10
CA ARG B 240 26.30 3.53 -3.21
C ARG B 240 25.95 2.88 -4.57
N ASN B 241 25.73 1.55 -4.61
CA ASN B 241 25.40 0.81 -5.82
C ASN B 241 23.89 0.84 -6.20
N PHE B 242 23.08 1.63 -5.46
CA PHE B 242 21.65 1.77 -5.73
C PHE B 242 21.38 2.77 -6.85
N GLY B 243 22.36 3.62 -7.17
CA GLY B 243 22.27 4.62 -8.23
C GLY B 243 21.33 5.78 -7.95
N LEU B 244 21.17 6.16 -6.67
CA LEU B 244 20.31 7.26 -6.21
C LEU B 244 20.87 8.65 -6.52
N LYS B 245 20.02 9.57 -7.03
CA LYS B 245 20.36 10.99 -7.23
C LYS B 245 20.05 11.64 -5.87
N CYS B 246 18.90 11.30 -5.25
CA CYS B 246 18.53 11.90 -3.97
C CYS B 246 17.75 10.99 -3.04
N LEU B 247 17.72 11.39 -1.77
CA LEU B 247 16.94 10.81 -0.67
C LEU B 247 16.24 12.00 -0.05
N PHE B 248 14.93 11.93 0.11
CA PHE B 248 14.18 13.00 0.77
C PHE B 248 13.48 12.41 1.99
N PHE B 249 13.61 13.13 3.12
CA PHE B 249 13.06 12.62 4.37
C PHE B 249 12.07 13.55 5.10
N SER B 250 11.15 12.93 5.86
CA SER B 250 10.16 13.60 6.71
C SER B 250 9.88 12.68 7.93
N GLY B 251 9.22 13.22 8.94
CA GLY B 251 8.83 12.47 10.14
C GLY B 251 9.69 12.67 11.38
N GLU B 252 10.98 13.06 11.19
CA GLU B 252 11.94 13.24 12.29
C GLU B 252 13.11 14.15 11.94
N PRO B 253 13.81 14.75 12.93
CA PRO B 253 15.02 15.55 12.59
C PRO B 253 16.15 14.66 12.06
N GLY B 254 17.08 15.26 11.32
CA GLY B 254 18.24 14.57 10.79
C GLY B 254 18.71 15.04 9.45
N ALA B 255 17.75 15.32 8.55
CA ALA B 255 18.08 15.80 7.20
C ALA B 255 18.68 17.22 7.19
N SER B 256 18.60 17.96 8.32
CA SER B 256 19.22 19.30 8.49
C SER B 256 20.25 19.34 9.61
N VAL B 257 20.59 18.17 10.16
CA VAL B 257 21.58 17.99 11.21
C VAL B 257 22.89 17.63 10.47
N PRO B 258 23.93 18.49 10.55
CA PRO B 258 25.18 18.23 9.82
C PRO B 258 25.75 16.80 9.88
N GLY B 259 25.93 16.26 11.09
CA GLY B 259 26.47 14.92 11.31
C GLY B 259 25.69 13.77 10.69
N VAL B 260 24.37 13.89 10.67
CA VAL B 260 23.45 12.89 10.12
C VAL B 260 23.39 13.00 8.61
N LYS B 261 23.11 14.21 8.10
CA LYS B 261 22.98 14.51 6.66
C LYS B 261 24.26 14.08 5.93
N ASP B 262 25.45 14.52 6.43
CA ASP B 262 26.76 14.19 5.90
C ASP B 262 27.01 12.68 5.85
N ARG B 263 26.65 11.95 6.92
CA ARG B 263 26.77 10.50 7.01
C ARG B 263 25.92 9.79 5.92
N ILE B 264 24.65 10.21 5.72
CA ILE B 264 23.74 9.60 4.74
C ILE B 264 24.19 9.91 3.28
N GLU B 265 24.59 11.16 3.00
CA GLU B 265 25.08 11.57 1.67
C GLU B 265 26.32 10.76 1.27
N GLU B 266 27.20 10.51 2.22
CA GLU B 266 28.42 9.73 2.02
C GLU B 266 28.09 8.23 1.79
N ALA B 267 27.24 7.64 2.64
CA ALA B 267 26.85 6.23 2.58
C ALA B 267 26.18 5.86 1.25
N TYR B 268 25.32 6.75 0.74
CA TYR B 268 24.58 6.53 -0.50
C TYR B 268 25.20 7.17 -1.77
N GLY B 269 26.12 8.13 -1.61
CA GLY B 269 26.72 8.88 -2.72
C GLY B 269 25.69 9.72 -3.47
N ALA B 270 24.79 10.38 -2.72
CA ALA B 270 23.69 11.16 -3.26
C ALA B 270 23.33 12.32 -2.33
N LYS B 271 22.43 13.19 -2.80
CA LYS B 271 21.97 14.35 -2.04
C LYS B 271 20.86 14.01 -1.08
N VAL B 272 20.79 14.73 0.05
CA VAL B 272 19.72 14.52 1.03
C VAL B 272 18.85 15.77 1.12
N TYR B 273 17.51 15.60 1.03
CA TYR B 273 16.56 16.72 1.15
C TYR B 273 15.65 16.60 2.37
N ASP B 274 15.57 17.71 3.13
CA ASP B 274 14.70 17.80 4.30
C ASP B 274 13.29 18.28 3.90
N CYS B 275 12.25 17.63 4.43
CA CYS B 275 10.87 18.04 4.21
C CYS B 275 10.00 17.61 5.37
N GLY B 276 8.79 18.15 5.46
CA GLY B 276 7.85 17.72 6.50
C GLY B 276 7.52 18.65 7.64
N SER B 277 6.21 18.95 7.78
CA SER B 277 5.67 19.73 8.88
C SER B 277 4.95 18.75 9.83
N MET B 278 3.61 18.51 9.64
CA MET B 278 2.76 17.65 10.45
C MET B 278 1.79 16.85 9.57
N ALA B 279 1.31 15.68 10.07
CA ALA B 279 0.32 14.84 9.35
C ALA B 279 -1.03 15.57 9.20
N GLU B 280 -1.36 16.43 10.18
CA GLU B 280 -2.55 17.29 10.20
C GLU B 280 -2.44 18.34 9.07
N MET B 281 -1.19 18.69 8.71
CA MET B 281 -0.83 19.66 7.68
C MET B 281 -0.49 19.03 6.31
N SER B 282 -0.94 17.78 6.01
CA SER B 282 -0.75 17.24 4.64
C SER B 282 -1.44 18.24 3.68
N PRO B 283 -0.80 18.72 2.59
CA PRO B 283 0.53 18.35 2.04
C PRO B 283 1.68 18.83 2.93
N PHE B 284 2.26 17.89 3.69
CA PHE B 284 3.30 18.10 4.70
C PHE B 284 4.63 18.56 4.11
N MET B 285 4.78 18.46 2.75
CA MET B 285 5.99 18.93 2.07
C MET B 285 5.96 20.48 1.87
N ASN B 286 4.98 21.17 2.50
CA ASN B 286 4.86 22.65 2.48
C ASN B 286 6.14 23.30 3.02
N VAL B 287 6.89 22.56 3.84
CA VAL B 287 8.25 22.89 4.30
C VAL B 287 9.14 21.83 3.66
N ALA B 288 10.02 22.26 2.74
CA ALA B 288 10.90 21.35 1.99
C ALA B 288 12.08 22.07 1.37
N GLY B 289 13.22 21.38 1.31
CA GLY B 289 14.40 21.92 0.63
C GLY B 289 14.26 21.75 -0.88
N THR B 290 15.13 22.41 -1.66
CA THR B 290 15.12 22.30 -3.13
C THR B 290 16.48 21.89 -3.60
N GLU B 291 16.60 21.45 -4.86
CA GLU B 291 17.87 21.02 -5.44
C GLU B 291 19.02 21.99 -5.22
N GLN B 292 18.80 23.31 -5.41
CA GLN B 292 19.86 24.31 -5.24
C GLN B 292 19.90 24.87 -3.81
N SER B 293 18.73 25.07 -3.19
CA SER B 293 18.64 25.51 -1.79
C SER B 293 18.46 24.21 -0.97
N ASN B 294 19.50 23.34 -0.99
CA ASN B 294 19.51 21.99 -0.41
C ASN B 294 19.71 21.91 1.12
N ASP B 295 20.15 23.00 1.77
CA ASP B 295 20.30 23.05 3.22
C ASP B 295 19.01 23.62 3.86
N GLY B 296 18.50 22.92 4.87
CA GLY B 296 17.29 23.36 5.55
C GLY B 296 16.07 23.18 4.68
N MET B 297 15.05 24.04 4.83
CA MET B 297 13.80 23.92 4.03
C MET B 297 13.27 25.30 3.66
N LEU B 298 12.51 25.41 2.58
CA LEU B 298 11.79 26.64 2.22
C LEU B 298 10.33 26.46 2.69
N CYS B 299 9.64 27.57 2.96
CA CYS B 299 8.23 27.57 3.32
C CYS B 299 7.47 27.92 2.03
N TRP B 300 6.76 26.92 1.47
CA TRP B 300 5.99 27.05 0.23
C TRP B 300 4.65 27.69 0.60
N GLN B 301 4.70 29.01 0.86
CA GLN B 301 3.65 29.85 1.45
C GLN B 301 2.29 29.79 0.76
N ASP B 302 2.26 29.62 -0.57
CA ASP B 302 1.03 29.60 -1.35
C ASP B 302 0.31 28.23 -1.38
N ILE B 303 0.88 27.22 -0.71
CA ILE B 303 0.31 25.88 -0.51
C ILE B 303 -0.25 25.86 0.93
N ILE B 304 0.62 26.17 1.91
CA ILE B 304 0.31 26.30 3.35
C ILE B 304 1.06 27.54 3.84
N TYR B 305 0.34 28.45 4.53
CA TYR B 305 0.87 29.68 5.10
C TYR B 305 1.51 29.39 6.46
N THR B 306 2.85 29.52 6.51
CA THR B 306 3.65 29.29 7.71
C THR B 306 4.00 30.64 8.36
N GLU B 307 3.83 30.70 9.67
CA GLU B 307 4.15 31.82 10.53
C GLU B 307 5.06 31.25 11.62
N VAL B 308 6.28 31.73 11.72
CA VAL B 308 7.17 31.33 12.81
C VAL B 308 6.87 32.38 13.89
N CYS B 309 6.25 31.95 15.01
CA CYS B 309 5.71 32.82 16.05
C CYS B 309 6.41 32.78 17.40
N ASP B 310 6.18 33.82 18.18
CA ASP B 310 6.65 33.94 19.56
C ASP B 310 5.60 33.17 20.39
N PRO B 311 5.98 32.09 21.12
CA PRO B 311 4.98 31.30 21.87
C PRO B 311 4.18 32.04 22.94
N ALA B 312 4.75 33.14 23.47
CA ALA B 312 4.14 33.96 24.51
C ALA B 312 2.94 34.80 24.01
N ASN B 313 2.84 35.04 22.68
CA ASN B 313 1.76 35.86 22.12
C ASN B 313 1.20 35.38 20.76
N MET B 314 1.76 34.32 20.17
CA MET B 314 1.36 33.72 18.87
C MET B 314 1.36 34.73 17.69
N ARG B 315 2.39 35.59 17.64
CA ARG B 315 2.58 36.56 16.57
C ARG B 315 3.97 36.33 15.93
N ARG B 316 4.12 36.68 14.64
CA ARG B 316 5.36 36.46 13.85
C ARG B 316 6.59 37.10 14.45
N VAL B 317 7.68 36.33 14.54
CA VAL B 317 8.97 36.84 15.03
C VAL B 317 9.68 37.43 13.81
N PRO B 318 10.51 38.48 13.95
CA PRO B 318 11.22 38.99 12.76
C PRO B 318 12.16 37.95 12.16
N TYR B 319 12.43 38.05 10.84
CA TYR B 319 13.37 37.16 10.16
C TYR B 319 14.74 37.27 10.86
N GLY B 320 15.33 36.10 11.15
CA GLY B 320 16.59 35.98 11.87
C GLY B 320 16.40 35.49 13.29
N GLN B 321 15.15 35.43 13.77
CA GLN B 321 14.81 34.97 15.12
C GLN B 321 14.23 33.54 15.15
N ARG B 322 14.22 32.95 16.36
CA ARG B 322 13.66 31.62 16.63
C ARG B 322 12.21 31.74 17.12
N GLY B 323 11.44 30.71 16.88
CA GLY B 323 10.05 30.65 17.28
C GLY B 323 9.39 29.36 16.88
N THR B 324 8.07 29.30 17.03
CA THR B 324 7.31 28.09 16.74
C THR B 324 6.47 28.17 15.44
N PRO B 325 6.59 27.19 14.53
CA PRO B 325 5.74 27.20 13.32
C PRO B 325 4.23 27.09 13.65
N VAL B 326 3.44 27.91 12.97
CA VAL B 326 1.98 27.96 13.05
C VAL B 326 1.54 27.82 11.58
N TYR B 327 0.68 26.85 11.30
CA TYR B 327 0.30 26.53 9.92
C TYR B 327 -1.17 26.70 9.51
N THR B 328 -1.40 27.14 8.27
CA THR B 328 -2.74 27.33 7.69
C THR B 328 -2.86 26.77 6.28
N HIS B 329 -3.78 25.80 6.07
CA HIS B 329 -4.07 25.25 4.75
C HIS B 329 -4.71 26.32 3.86
N LEU B 330 -4.20 26.48 2.62
CA LEU B 330 -4.76 27.41 1.65
C LEU B 330 -5.52 26.68 0.54
N GLU B 331 -5.35 25.33 0.48
CA GLU B 331 -5.94 24.52 -0.57
C GLU B 331 -6.54 23.22 -0.06
N ARG B 332 -7.31 23.28 1.04
CA ARG B 332 -7.98 22.11 1.60
C ARG B 332 -9.42 22.46 2.02
N THR B 333 -10.37 21.56 1.69
CA THR B 333 -11.79 21.67 2.03
C THR B 333 -12.19 20.69 3.18
N SER B 334 -11.44 19.60 3.36
CA SER B 334 -11.68 18.60 4.41
C SER B 334 -10.65 18.76 5.52
N GLN B 335 -11.14 18.80 6.78
CA GLN B 335 -10.34 19.00 7.99
C GLN B 335 -9.27 20.10 7.81
N PRO B 336 -9.65 21.32 7.31
CA PRO B 336 -8.62 22.35 7.10
C PRO B 336 -8.13 22.91 8.43
N MET B 337 -6.82 23.10 8.51
CA MET B 337 -6.16 23.62 9.70
C MET B 337 -5.88 25.08 9.52
N ILE B 338 -6.41 25.90 10.44
CA ILE B 338 -6.26 27.37 10.43
C ILE B 338 -5.54 27.74 11.72
N ARG B 339 -4.24 28.15 11.58
CA ARG B 339 -3.33 28.50 12.67
C ARG B 339 -3.12 27.33 13.66
N LEU B 340 -2.83 26.14 13.10
CA LEU B 340 -2.54 25.00 13.94
C LEU B 340 -1.14 25.21 14.52
N LEU B 341 -1.03 25.16 15.85
CA LEU B 341 0.22 25.31 16.58
C LEU B 341 0.98 23.99 16.53
N SER B 342 2.21 24.02 15.98
CA SER B 342 3.05 22.84 15.87
C SER B 342 3.68 22.42 17.21
N GLY B 343 4.10 23.41 18.02
CA GLY B 343 4.82 23.15 19.26
C GLY B 343 6.30 22.90 19.04
N ASP B 344 6.75 22.98 17.76
CA ASP B 344 8.14 22.79 17.31
C ASP B 344 8.93 24.08 17.43
N LEU B 345 10.25 23.99 17.30
CA LEU B 345 11.17 25.12 17.39
C LEU B 345 11.97 25.23 16.10
N THR B 346 12.06 26.44 15.56
CA THR B 346 12.78 26.71 14.33
C THR B 346 13.34 28.12 14.31
N LEU B 347 14.09 28.44 13.25
CA LEU B 347 14.63 29.75 12.95
C LEU B 347 14.23 30.02 11.50
N TRP B 348 13.75 31.22 11.20
CA TRP B 348 13.41 31.59 9.83
C TRP B 348 14.14 32.84 9.38
N THR B 349 14.56 32.85 8.11
CA THR B 349 15.23 33.96 7.44
C THR B 349 14.53 34.20 6.12
N ASN B 350 14.76 35.38 5.51
CA ASN B 350 14.15 35.76 4.24
C ASN B 350 15.16 36.41 3.32
N ASP B 351 16.30 35.75 3.13
CA ASP B 351 17.36 36.21 2.24
C ASP B 351 17.14 35.57 0.88
N GLU B 352 18.02 35.87 -0.08
CA GLU B 352 18.03 35.32 -1.42
C GLU B 352 18.27 33.80 -1.34
N ASN B 353 17.50 33.00 -2.11
CA ASN B 353 17.68 31.54 -2.14
C ASN B 353 18.44 31.09 -3.40
N PRO B 354 19.46 30.18 -3.28
CA PRO B 354 20.21 29.74 -4.48
C PRO B 354 19.37 29.25 -5.67
N CYS B 355 18.20 28.60 -5.40
CA CYS B 355 17.30 28.09 -6.44
C CYS B 355 16.51 29.21 -7.16
N GLY B 356 16.43 30.38 -6.52
CA GLY B 356 15.72 31.55 -7.06
C GLY B 356 14.29 31.67 -6.59
N ARG B 357 13.82 30.71 -5.75
CA ARG B 357 12.46 30.78 -5.20
C ARG B 357 12.35 31.88 -4.14
N THR B 358 11.25 32.67 -4.16
CA THR B 358 11.10 33.81 -3.25
C THR B 358 10.35 33.47 -1.96
N TYR B 359 10.73 32.37 -1.34
CA TYR B 359 10.09 31.84 -0.14
C TYR B 359 10.91 32.07 1.13
N PRO B 360 10.28 32.18 2.33
CA PRO B 360 11.10 32.25 3.57
C PRO B 360 11.77 30.89 3.77
N ARG B 361 12.87 30.86 4.49
CA ARG B 361 13.65 29.64 4.67
C ARG B 361 13.86 29.31 6.15
N LEU B 362 13.93 28.02 6.47
CA LEU B 362 14.26 27.46 7.79
C LEU B 362 15.67 26.87 7.55
N PRO B 363 16.75 27.70 7.78
CA PRO B 363 18.12 27.27 7.44
C PRO B 363 18.62 25.99 8.10
N GLN B 364 18.18 25.75 9.33
CA GLN B 364 18.54 24.57 10.11
C GLN B 364 17.36 23.62 10.28
N GLY B 365 16.33 23.76 9.42
CA GLY B 365 15.12 22.93 9.47
C GLY B 365 14.34 23.12 10.77
N ILE B 366 13.79 22.02 11.32
CA ILE B 366 13.05 22.01 12.59
C ILE B 366 13.93 21.28 13.62
N PHE B 367 14.38 21.99 14.68
CA PHE B 367 15.39 21.48 15.60
C PHE B 367 15.01 21.44 17.09
N GLY B 368 13.73 21.29 17.39
CA GLY B 368 13.31 21.21 18.77
C GLY B 368 11.83 21.38 19.02
N ARG B 369 11.51 21.44 20.31
CA ARG B 369 10.18 21.61 20.85
C ARG B 369 10.17 22.80 21.79
N ILE B 370 9.03 23.47 21.89
CA ILE B 370 8.82 24.60 22.79
C ILE B 370 8.41 24.09 24.20
N ASP B 371 8.34 22.75 24.36
CA ASP B 371 7.98 22.05 25.61
C ASP B 371 9.00 22.30 26.73
N ASP B 372 8.47 22.65 27.92
CA ASP B 372 9.19 22.85 29.18
C ASP B 372 10.25 23.97 29.12
N MET B 373 9.99 25.00 28.29
CA MET B 373 10.85 26.16 28.12
C MET B 373 10.80 27.05 29.38
N PHE B 374 11.96 27.60 29.77
CA PHE B 374 12.07 28.48 30.94
C PHE B 374 12.84 29.75 30.59
N THR B 375 12.41 30.88 31.16
CA THR B 375 13.01 32.18 30.91
C THR B 375 13.84 32.63 32.11
N ILE B 376 15.18 32.52 31.99
CA ILE B 376 16.13 32.99 32.99
C ILE B 376 16.93 34.16 32.41
N ARG B 377 16.71 35.38 33.00
CA ARG B 377 17.31 36.68 32.65
C ARG B 377 16.81 37.23 31.29
N GLY B 378 15.53 36.98 30.99
CA GLY B 378 14.90 37.42 29.76
C GLY B 378 15.17 36.53 28.56
N GLU B 379 16.15 35.62 28.67
CA GLU B 379 16.57 34.70 27.61
C GLU B 379 15.79 33.39 27.70
N ASN B 380 15.08 33.04 26.62
CA ASN B 380 14.28 31.80 26.54
C ASN B 380 15.20 30.61 26.36
N ILE B 381 15.13 29.65 27.30
CA ILE B 381 15.97 28.46 27.25
C ILE B 381 15.11 27.23 26.88
N TYR B 382 15.54 26.52 25.85
CA TYR B 382 14.83 25.34 25.40
C TYR B 382 15.53 24.06 25.81
N PRO B 383 14.95 23.30 26.78
CA PRO B 383 15.59 22.04 27.20
C PRO B 383 15.99 21.13 26.03
N SER B 384 15.17 21.12 24.94
CA SER B 384 15.43 20.35 23.70
C SER B 384 16.76 20.73 23.02
N GLU B 385 17.16 22.01 23.08
CA GLU B 385 18.40 22.56 22.53
C GLU B 385 19.61 22.09 23.33
N ILE B 386 19.48 22.03 24.68
CA ILE B 386 20.53 21.56 25.61
C ILE B 386 20.79 20.09 25.24
N ASP B 387 19.71 19.28 25.14
CA ASP B 387 19.75 17.86 24.80
C ASP B 387 20.47 17.61 23.48
N ALA B 388 20.11 18.36 22.42
CA ALA B 388 20.72 18.23 21.09
C ALA B 388 22.22 18.55 21.12
N ALA B 389 22.64 19.57 21.91
CA ALA B 389 24.04 19.99 22.05
C ALA B 389 24.87 18.90 22.75
N LEU B 390 24.40 18.40 23.91
CA LEU B 390 25.03 17.33 24.69
C LEU B 390 25.11 16.02 23.92
N ASN B 391 24.10 15.72 23.05
CA ASN B 391 24.03 14.52 22.23
C ASN B 391 24.96 14.56 20.97
N GLN B 392 26.04 15.37 21.07
CA GLN B 392 27.10 15.50 20.06
C GLN B 392 28.42 15.15 20.74
N MET B 393 28.49 15.41 22.07
CA MET B 393 29.63 15.14 22.95
C MET B 393 29.72 13.64 23.24
N SER B 394 30.92 13.07 23.02
CA SER B 394 31.15 11.66 23.24
C SER B 394 31.24 11.31 24.72
N GLY B 395 31.77 12.23 25.54
CA GLY B 395 31.91 12.05 26.98
C GLY B 395 30.60 12.08 27.77
N TYR B 396 29.47 12.40 27.07
CA TYR B 396 28.12 12.48 27.58
C TYR B 396 27.59 11.08 27.92
N GLY B 397 27.17 10.91 29.18
CA GLY B 397 26.67 9.65 29.74
C GLY B 397 25.30 9.18 29.26
N GLY B 398 24.71 9.93 28.32
CA GLY B 398 23.40 9.64 27.73
C GLY B 398 22.23 10.26 28.47
N GLU B 399 22.49 10.84 29.66
CA GLU B 399 21.48 11.47 30.51
C GLU B 399 22.00 12.76 31.17
N HIS B 400 21.08 13.67 31.56
CA HIS B 400 21.37 14.93 32.24
C HIS B 400 20.17 15.44 33.04
N ARG B 401 20.34 16.57 33.76
CA ARG B 401 19.28 17.19 34.57
C ARG B 401 19.47 18.70 34.70
N ILE B 402 18.35 19.43 34.86
CA ILE B 402 18.34 20.88 35.03
C ILE B 402 17.77 21.20 36.44
N VAL B 403 16.46 21.53 36.56
CA VAL B 403 15.71 21.83 37.81
C VAL B 403 16.51 22.69 38.82
N LEU B 413 21.12 28.88 37.01
CA LEU B 413 20.63 27.55 36.62
C LEU B 413 21.58 26.44 37.06
N LEU B 414 21.03 25.25 37.39
CA LEU B 414 21.83 24.11 37.80
C LEU B 414 21.79 23.01 36.74
N LEU B 415 22.94 22.69 36.14
CA LEU B 415 23.05 21.65 35.13
C LEU B 415 23.79 20.44 35.71
N ARG B 416 23.05 19.35 35.98
CA ARG B 416 23.58 18.10 36.53
C ARG B 416 23.70 17.06 35.40
N VAL B 417 24.88 17.00 34.75
CA VAL B 417 25.16 16.11 33.62
C VAL B 417 25.83 14.81 34.08
N GLU B 418 25.41 13.68 33.48
CA GLU B 418 25.99 12.35 33.71
C GLU B 418 27.20 12.19 32.76
N PRO B 419 28.41 11.89 33.28
CA PRO B 419 29.55 11.65 32.37
C PRO B 419 29.52 10.21 31.84
N SER B 420 30.33 9.90 30.82
CA SER B 420 30.43 8.53 30.29
C SER B 420 31.07 7.59 31.33
N GLU B 421 30.90 6.28 31.15
CA GLU B 421 31.49 5.22 31.99
C GLU B 421 33.04 5.30 31.89
N SER B 422 33.57 5.62 30.68
CA SER B 422 35.00 5.75 30.39
C SER B 422 35.60 7.01 31.02
N VAL B 423 34.88 8.16 30.98
CA VAL B 423 35.30 9.46 31.54
C VAL B 423 35.41 9.37 33.08
N HIS B 424 34.38 8.76 33.72
CA HIS B 424 34.31 8.55 35.18
C HIS B 424 35.48 7.67 35.65
N ALA B 425 35.79 6.61 34.89
CA ALA B 425 36.89 5.69 35.17
C ALA B 425 38.28 6.33 34.94
N ALA B 426 38.36 7.35 34.05
CA ALA B 426 39.60 8.06 33.67
C ALA B 426 40.12 9.12 34.67
N GLY B 427 39.46 9.24 35.83
CA GLY B 427 39.87 10.12 36.92
C GLY B 427 39.31 11.53 36.97
N ALA B 428 39.79 12.29 37.97
CA ALA B 428 39.43 13.68 38.31
C ALA B 428 39.69 14.69 37.21
N ALA B 429 40.89 14.63 36.58
CA ALA B 429 41.31 15.54 35.51
C ALA B 429 40.42 15.40 34.28
N ALA B 430 40.13 14.15 33.87
CA ALA B 430 39.28 13.80 32.74
C ALA B 430 37.80 14.17 32.97
N LEU B 431 37.35 14.13 34.25
CA LEU B 431 35.98 14.47 34.70
C LEU B 431 35.76 16.00 34.75
N GLU B 432 36.84 16.77 35.07
CA GLU B 432 36.82 18.24 35.08
C GLU B 432 36.86 18.74 33.63
N THR B 433 37.61 18.03 32.76
CA THR B 433 37.72 18.26 31.31
C THR B 433 36.32 18.18 30.71
N PHE B 434 35.58 17.09 31.01
CA PHE B 434 34.21 16.91 30.55
C PHE B 434 33.31 18.04 31.06
N ARG B 435 33.32 18.31 32.39
CA ARG B 435 32.51 19.33 33.07
C ARG B 435 32.66 20.72 32.47
N THR B 436 33.90 21.10 32.07
CA THR B 436 34.16 22.40 31.42
C THR B 436 33.87 22.34 29.89
N GLU B 437 34.14 21.20 29.19
CA GLU B 437 33.86 21.06 27.76
C GLU B 437 32.33 20.93 27.48
N ALA B 438 31.56 20.60 28.55
CA ALA B 438 30.10 20.51 28.58
C ALA B 438 29.49 21.88 28.91
N SER B 439 30.30 22.94 28.78
CA SER B 439 29.90 24.32 29.00
C SER B 439 30.16 25.16 27.76
N HIS B 440 31.20 24.83 26.95
CA HIS B 440 31.54 25.59 25.72
C HIS B 440 30.54 25.38 24.57
N ARG B 441 30.18 24.11 24.27
CA ARG B 441 29.23 23.81 23.20
C ARG B 441 27.84 24.30 23.60
N VAL B 442 27.49 24.12 24.90
CA VAL B 442 26.24 24.56 25.50
C VAL B 442 26.16 26.10 25.45
N GLN B 443 27.27 26.80 25.83
CA GLN B 443 27.38 28.27 25.84
C GLN B 443 27.00 28.87 24.49
N THR B 444 27.55 28.33 23.38
CA THR B 444 27.31 28.80 22.01
C THR B 444 25.84 28.61 21.60
N VAL B 445 25.21 27.52 22.10
CA VAL B 445 23.80 27.17 21.83
C VAL B 445 22.84 28.07 22.63
N LEU B 446 23.10 28.25 23.94
CA LEU B 446 22.26 29.01 24.86
C LEU B 446 22.48 30.51 24.88
N GLY B 447 23.72 30.93 25.06
CA GLY B 447 24.09 32.34 25.16
C GLY B 447 24.07 32.86 26.58
N VAL B 448 23.93 31.93 27.56
CA VAL B 448 23.89 32.23 29.00
C VAL B 448 24.94 31.35 29.74
N ARG B 449 25.56 31.90 30.82
CA ARG B 449 26.54 31.20 31.66
C ARG B 449 25.89 29.99 32.36
N ALA B 450 26.35 28.77 32.02
CA ALA B 450 25.85 27.51 32.54
C ALA B 450 26.84 26.83 33.50
P AMP C . 1.22 -15.66 -7.15
O1P AMP C . 0.34 -14.42 -7.07
O2P AMP C . 1.35 -16.20 -8.54
O3P AMP C . 2.55 -15.32 -6.50
O5' AMP C . 0.54 -16.77 -6.21
C5' AMP C . -0.88 -16.98 -6.28
C4' AMP C . -1.16 -18.37 -5.75
O4' AMP C . -1.74 -18.27 -4.43
C3' AMP C . -2.18 -19.16 -6.57
O3' AMP C . -1.58 -19.76 -7.71
C2' AMP C . -2.75 -20.13 -5.52
O2' AMP C . -1.90 -21.25 -5.30
C1' AMP C . -2.78 -19.23 -4.28
N9 AMP C . -4.05 -18.52 -4.08
C8 AMP C . -4.28 -17.19 -4.27
N7 AMP C . -5.52 -16.83 -4.04
C5 AMP C . -6.16 -18.02 -3.70
C6 AMP C . -7.49 -18.32 -3.36
N6 AMP C . -8.47 -17.41 -3.27
N1 AMP C . -7.79 -19.61 -3.10
C2 AMP C . -6.82 -20.53 -3.16
N3 AMP C . -5.52 -20.36 -3.46
C4 AMP C . -5.26 -19.07 -3.72
C2 8LE D . -6.75 -20.67 -3.12
CAA 8LE D . -2.79 -11.32 -5.94
CAZ 8LE D . -3.24 -12.47 -5.03
CAB 8LE D . -4.19 -13.42 -5.74
OAF 8LE D . -3.92 -11.94 -3.87
CAS 8LE D . -1.99 -13.24 -4.65
OAD 8LE D . -1.59 -13.27 -3.49
OAQ 8LE D . -1.27 -13.94 -5.71
PBC 8LE D . 0.21 -14.57 -5.61
OAI 8LE D . 0.98 -13.97 -4.46
OAE 8LE D . 0.94 -14.35 -6.90
O5' 8LE D . 0.05 -16.16 -5.44
C5' 8LE D . -0.85 -16.88 -6.30
C4' 8LE D . -1.06 -18.29 -5.78
O4' 8LE D . -1.60 -18.25 -4.45
C3' 8LE D . -2.11 -19.03 -6.59
O3' 8LE D . -1.58 -19.64 -7.77
C2' 8LE D . -2.74 -19.98 -5.59
O2' 8LE D . -1.95 -21.16 -5.43
C1' 8LE D . -2.66 -19.20 -4.28
N9 8LE D . -3.96 -18.50 -4.04
C8 8LE D . -4.18 -17.18 -4.20
N7 8LE D . -5.47 -16.90 -3.91
C5 8LE D . -6.08 -18.07 -3.62
C4 8LE D . -5.12 -19.07 -3.69
N3 8LE D . -5.49 -20.36 -3.46
N1 8LE D . -7.69 -19.71 -3.01
C6 8LE D . -7.39 -18.41 -3.27
N6 8LE D . -8.35 -17.47 -3.15
N1A COA E . -0.96 -13.18 8.23
C2A COA E . -0.19 -12.09 8.25
N3A COA E . 0.54 -11.60 9.27
C4A COA E . 0.41 -12.37 10.37
C5A COA E . -0.38 -13.49 10.50
C6A COA E . -1.08 -13.92 9.35
N6A COA E . -1.78 -15.06 9.28
N7A COA E . -0.27 -14.01 11.78
C8A COA E . 0.59 -13.23 12.37
N9A COA E . 1.05 -12.21 11.57
C1B COA E . 2.08 -11.21 11.89
C2B COA E . 1.56 -9.95 12.57
O2B COA E . 2.28 -8.79 12.14
C3B COA E . 1.78 -10.29 14.04
O3B COA E . 1.87 -9.14 14.90
P3B COA E . 0.58 -8.41 15.56
O7A COA E . -0.12 -7.65 14.43
O8A COA E . 1.11 -7.51 16.63
O9A COA E . -0.24 -9.47 16.24
C4B COA E . 3.12 -11.03 13.99
O4B COA E . 3.03 -11.81 12.78
C5B COA E . 3.39 -11.94 15.16
O5B COA E . 2.29 -12.86 15.27
P1A COA E . 2.17 -13.90 16.48
O1A COA E . 0.95 -14.73 16.46
O2A COA E . 2.24 -13.14 17.81
O3A COA E . 3.46 -14.84 16.32
P2A COA E . 4.14 -15.70 15.17
O4A COA E . 5.22 -14.91 14.52
O5A COA E . 4.79 -16.91 15.86
O6A COA E . 3.06 -16.26 14.07
CBP COA E . 2.93 -17.12 11.78
CCP COA E . 3.54 -17.29 13.18
CDP COA E . 3.53 -18.24 10.92
CEP COA E . 1.41 -17.30 11.85
CAP COA E . 3.23 -15.74 11.15
OAP COA E . 4.40 -15.10 11.68
C9P COA E . 3.31 -15.70 9.63
O9P COA E . 4.40 -15.54 9.07
N8P COA E . 2.16 -15.85 8.96
C7P COA E . 2.08 -15.91 7.51
C6P COA E . 2.39 -17.29 6.98
C5P COA E . 2.35 -17.35 5.48
O5P COA E . 1.38 -17.83 4.88
N4P COA E . 3.42 -16.88 4.84
C3P COA E . 3.55 -16.85 3.38
C2P COA E . 3.69 -15.44 2.84
S1P COA E . 2.04 -14.68 2.94
P AMP F . 2.52 14.77 13.85
O1P AMP F . 1.77 16.03 14.22
O2P AMP F . 2.46 14.44 12.33
O3P AMP F . 2.08 13.53 14.64
O5' AMP F . 4.09 14.93 14.21
C5' AMP F . 5.00 15.58 13.31
C4' AMP F . 6.18 16.03 14.12
O4' AMP F . 7.36 15.31 13.72
C3' AMP F . 6.55 17.50 13.95
O3' AMP F . 5.75 18.34 14.78
C2' AMP F . 8.04 17.51 14.30
O2' AMP F . 8.28 17.56 15.70
C1' AMP F . 8.49 16.16 13.72
N9 AMP F . 9.04 16.26 12.38
C8 AMP F . 8.43 15.91 11.19
N7 AMP F . 9.15 16.16 10.13
C5 AMP F . 10.32 16.71 10.64
C6 AMP F . 11.48 17.22 10.03
N6 AMP F . 11.68 17.23 8.70
N1 AMP F . 12.44 17.74 10.82
C2 AMP F . 12.25 17.75 12.15
N3 AMP F . 11.20 17.28 12.84
C4 AMP F . 10.26 16.77 12.02
C2 8LE G . 12.26 17.77 12.35
CAA 8LE G . 3.64 13.55 7.91
CAZ 8LE G . 4.99 13.63 8.61
CAB 8LE G . 5.51 15.07 8.68
OAF 8LE G . 5.96 12.86 7.89
CAS 8LE G . 4.79 13.08 10.01
OAD 8LE G . 5.23 11.99 10.35
OAQ 8LE G . 3.99 13.88 10.95
PBC 8LE G . 3.57 13.52 12.46
OAI 8LE G . 3.57 12.04 12.75
OAE 8LE G . 2.20 14.11 12.69
O5' 8LE G . 4.60 14.24 13.47
C5' 8LE G . 4.88 15.63 13.30
C4' 8LE G . 6.07 16.00 14.18
O4' 8LE G . 7.22 15.24 13.82
C3' 8LE G . 6.46 17.45 13.97
O3' 8LE G . 5.73 18.34 14.81
C2' 8LE G . 7.95 17.44 14.25
O2' 8LE G . 8.21 17.57 15.65
C1' 8LE G . 8.40 16.06 13.81
N9 8LE G . 8.98 16.18 12.44
C8 8LE G . 8.38 15.84 11.28
N7 8LE G . 9.20 16.15 10.25
C5 8LE G . 10.31 16.71 10.76
C4 8LE G . 10.17 16.73 12.14
N3 8LE G . 11.15 17.26 12.92
N1 8LE G . 12.44 17.74 11.02
C6 8LE G . 11.49 17.22 10.20
N6 8LE G . 11.68 17.22 8.87
N1A COA H . 12.88 3.01 11.21
C2A COA H . 11.91 2.16 10.91
N3A COA H . 11.83 0.84 11.14
C4A COA H . 12.95 0.40 11.75
C5A COA H . 14.06 1.15 12.10
C6A COA H . 14.01 2.54 11.82
N6A COA H . 14.96 3.41 12.17
N7A COA H . 15.05 0.36 12.66
C8A COA H . 14.50 -0.84 12.66
N9A COA H . 13.23 -0.88 12.14
C1B COA H . 12.34 -2.05 12.06
C2B COA H . 12.53 -2.92 10.81
O2B COA H . 11.30 -3.49 10.36
C3B COA H . 13.49 -3.98 11.34
O3B COA H . 13.45 -5.21 10.58
P3B COA H . 14.29 -5.39 9.21
O7A COA H . 15.66 -4.82 9.39
O8A COA H . 14.29 -6.91 8.86
O9A COA H . 13.49 -4.66 8.11
C4B COA H . 13.00 -4.19 12.77
O4B COA H . 12.56 -2.88 13.19
C5B COA H . 14.04 -4.70 13.74
O5B COA H . 15.29 -3.98 13.55
P1A COA H . 16.51 -4.06 14.60
O1A COA H . 16.51 -5.24 15.49
O2A COA H . 17.80 -4.05 13.79
O3A COA H . 16.44 -2.72 15.48
P2A COA H . 15.54 -2.21 16.69
O4A COA H . 16.36 -2.17 17.92
O5A COA H . 14.38 -3.23 16.88
O6A COA H . 14.89 -0.76 16.29
CBP COA H . 13.06 0.86 16.36
CCP COA H . 13.91 -0.14 17.15
CDP COA H . 13.97 1.88 15.64
CEP COA H . 12.23 0.10 15.32
CAP COA H . 12.11 1.61 17.32
OAP COA H . 12.74 2.04 18.52
C9P COA H . 11.34 2.78 16.72
O9P COA H . 11.76 3.93 16.85
N8P COA H . 10.19 2.49 16.09
C7P COA H . 9.38 3.50 15.42
C6P COA H . 8.15 2.88 14.76
C5P COA H . 7.22 3.93 14.20
O5P COA H . 6.65 4.73 14.93
N4P COA H . 7.05 3.89 12.88
C3P COA H . 6.11 4.76 12.17
C2P COA H . 6.79 5.96 11.54
S1P COA H . 5.45 6.95 10.81
#